data_1XN0
#
_entry.id   1XN0
#
_cell.length_a   89.926
_cell.length_b   94.996
_cell.length_c   106.833
_cell.angle_alpha   90.00
_cell.angle_beta   90.00
_cell.angle_gamma   90.00
#
_symmetry.space_group_name_H-M   'P 21 21 21'
#
loop_
_entity.id
_entity.type
_entity.pdbx_description
1 polymer "cAMP-specific 3',5'-cyclic phosphodiesterase 4B"
2 non-polymer 'ZINC ION'
3 non-polymer 'MAGNESIUM ION'
4 non-polymer ROLIPRAM
5 water water
#
_entity_poly.entity_id   1
_entity_poly.type   'polypeptide(L)'
_entity_poly.pdbx_seq_one_letter_code
;MGSSHHHHHHSSGLVPRGSHMSISRFGVNTENEDHLAKELEDLNKWGLNIFNVAGYSHNRPLT(CME)IMYAIFQERDLL
KTFRISSDTFITYMMTLEDHYHSDVAYHNSLHAADVAQSTHVLLSTPALDAVFTDLEILAAIFAAAIHDVDHPGVSNQFL
INTNSELALMYNDESVLENHHLAVGFKLLQEEH(CME)DIFMNLTKKQRQTLRKMVIDMVLATDMSKHMSLLADLKTMVE
TKKVTSSGVLLLDNYTDRIQVLRNMVHCADLSNPTKSLELYRQWTDRIMEEFFQQGDKERERGMEISPM(CME)DKHTAS
VEKSQVGFIDYIVHPLWETWADLVQPDAQDILDTLEDNRNWYQSMIPQSPSPPLDEQNRDCQGLMEKFQFELTLDEEDSE
GPEKEGEGHS
;
_entity_poly.pdbx_strand_id   A,B
#
loop_
_chem_comp.id
_chem_comp.type
_chem_comp.name
_chem_comp.formula
MG non-polymer 'MAGNESIUM ION' 'Mg 2'
ROL non-polymer ROLIPRAM 'C16 H21 N O3'
ZN non-polymer 'ZINC ION' 'Zn 2'
#
# COMPACT_ATOMS: atom_id res chain seq x y z
N GLU A 33 1.62 -13.54 -41.38
CA GLU A 33 0.26 -13.63 -42.01
C GLU A 33 -0.27 -15.10 -41.97
N ASP A 34 0.29 -15.95 -42.82
CA ASP A 34 0.11 -17.41 -42.76
C ASP A 34 1.13 -17.85 -41.70
N HIS A 35 2.20 -17.05 -41.52
CA HIS A 35 3.25 -17.30 -40.52
C HIS A 35 2.73 -17.09 -39.11
N LEU A 36 1.80 -16.14 -38.97
CA LEU A 36 1.22 -15.84 -37.67
C LEU A 36 0.37 -17.03 -37.24
N ALA A 37 -0.50 -17.51 -38.15
CA ALA A 37 -1.38 -18.63 -37.86
C ALA A 37 -0.61 -19.91 -37.56
N LYS A 38 0.51 -20.14 -38.26
CA LYS A 38 1.35 -21.31 -37.97
C LYS A 38 1.94 -21.23 -36.54
N GLU A 39 2.47 -20.06 -36.19
CA GLU A 39 3.03 -19.86 -34.84
C GLU A 39 1.96 -20.06 -33.75
N LEU A 40 0.76 -19.48 -33.95
CA LEU A 40 -0.34 -19.58 -32.98
C LEU A 40 -0.92 -20.99 -32.79
N GLU A 41 -0.54 -21.95 -33.63
CA GLU A 41 -0.94 -23.35 -33.46
C GLU A 41 -0.43 -23.84 -32.09
N ASP A 42 0.72 -23.29 -31.64
CA ASP A 42 1.31 -23.53 -30.33
C ASP A 42 0.78 -22.59 -29.20
N LEU A 43 -0.39 -21.99 -29.37
CA LEU A 43 -0.94 -21.09 -28.36
C LEU A 43 -0.99 -21.71 -26.94
N ASN A 44 -1.38 -22.99 -26.87
CA ASN A 44 -1.53 -23.75 -25.63
C ASN A 44 -0.25 -24.48 -25.17
N LYS A 45 0.89 -24.16 -25.76
CA LYS A 45 2.13 -24.82 -25.40
C LYS A 45 3.19 -23.86 -24.86
N TRP A 46 4.08 -24.41 -24.05
CA TRP A 46 5.21 -23.72 -23.45
C TRP A 46 6.24 -23.29 -24.52
N GLY A 47 6.29 -24.04 -25.62
CA GLY A 47 7.20 -23.79 -26.73
C GLY A 47 6.73 -22.69 -27.68
N LEU A 48 5.60 -22.03 -27.40
CA LEU A 48 5.20 -20.92 -28.24
C LEU A 48 6.30 -19.87 -28.28
N ASN A 49 6.47 -19.23 -29.43
CA ASN A 49 7.47 -18.19 -29.61
C ASN A 49 6.82 -16.81 -29.78
N ILE A 50 6.79 -16.03 -28.69
CA ILE A 50 6.17 -14.69 -28.67
C ILE A 50 6.94 -13.68 -29.53
N PHE A 51 8.25 -13.86 -29.72
CA PHE A 51 8.97 -12.92 -30.61
C PHE A 51 8.43 -13.03 -32.04
N ASN A 52 8.18 -14.27 -32.47
CA ASN A 52 7.64 -14.50 -33.81
C ASN A 52 6.25 -13.89 -33.95
N VAL A 53 5.41 -14.03 -32.91
CA VAL A 53 4.06 -13.47 -33.03
C VAL A 53 4.14 -11.95 -33.10
N ALA A 54 5.07 -11.34 -32.37
CA ALA A 54 5.30 -9.90 -32.44
C ALA A 54 5.61 -9.45 -33.89
N GLY A 55 6.59 -10.07 -34.53
CA GLY A 55 6.98 -9.78 -35.91
C GLY A 55 5.82 -9.74 -36.88
N TYR A 56 4.87 -10.65 -36.71
CA TYR A 56 3.71 -10.77 -37.62
C TYR A 56 2.40 -10.08 -37.16
N SER A 57 2.47 -9.18 -36.17
CA SER A 57 1.26 -8.51 -35.65
C SER A 57 1.39 -6.96 -35.51
N HIS A 58 2.33 -6.37 -36.26
CA HIS A 58 2.63 -4.93 -36.28
C HIS A 58 3.05 -4.49 -34.91
N ASN A 59 3.90 -5.32 -34.33
CA ASN A 59 4.42 -5.15 -32.99
C ASN A 59 3.33 -4.80 -31.99
N ARG A 60 2.26 -5.60 -32.07
CA ARG A 60 1.17 -5.55 -31.10
C ARG A 60 1.01 -7.00 -30.48
N PRO A 61 2.10 -7.57 -29.97
CA PRO A 61 2.06 -8.93 -29.39
C PRO A 61 0.99 -9.12 -28.33
N LEU A 62 0.85 -8.12 -27.44
CA LEU A 62 -0.07 -8.20 -26.33
C LEU A 62 -1.53 -8.24 -26.78
N THR A 63 -1.92 -7.34 -27.70
CA THR A 63 -3.27 -7.30 -28.24
C THR A 63 -3.59 -8.64 -28.93
N CME A 64 -2.84 -9.09 -29.92
CA CME A 64 -2.69 -10.36 -30.58
CB CME A 64 -1.43 -10.55 -31.41
SG CME A 64 -1.78 -11.86 -32.56
SD CME A 64 -3.43 -11.49 -33.73
CE CME A 64 -4.35 -12.96 -34.00
CZ CME A 64 -4.98 -13.46 -32.74
OH CME A 64 -5.80 -14.37 -32.83
C CME A 64 -2.96 -11.58 -29.69
O CME A 64 -4.05 -12.12 -29.70
N ILE A 65 -2.04 -11.82 -28.73
CA ILE A 65 -2.14 -12.98 -27.82
C ILE A 65 -3.31 -12.94 -26.86
N MET A 66 -3.66 -11.77 -26.38
CA MET A 66 -4.76 -11.67 -25.46
C MET A 66 -6.07 -12.05 -26.18
N TYR A 67 -6.20 -11.60 -27.43
CA TYR A 67 -7.33 -11.92 -28.28
C TYR A 67 -7.34 -13.44 -28.62
N ALA A 68 -6.17 -14.02 -28.94
CA ALA A 68 -6.12 -15.47 -29.24
C ALA A 68 -6.48 -16.26 -27.97
N ILE A 69 -5.89 -15.89 -26.84
CA ILE A 69 -6.24 -16.54 -25.56
C ILE A 69 -7.75 -16.49 -25.20
N PHE A 70 -8.40 -15.33 -25.40
CA PHE A 70 -9.78 -15.14 -24.97
C PHE A 70 -10.74 -15.93 -25.85
N GLN A 71 -10.43 -16.01 -27.15
CA GLN A 71 -11.21 -16.78 -28.11
C GLN A 71 -11.09 -18.27 -27.81
N GLU A 72 -9.87 -18.72 -27.63
CA GLU A 72 -9.60 -20.11 -27.26
C GLU A 72 -10.40 -20.54 -26.03
N ARG A 73 -10.53 -19.68 -25.03
CA ARG A 73 -11.19 -20.03 -23.77
C ARG A 73 -12.66 -19.62 -23.75
N ASP A 74 -13.14 -19.00 -24.83
CA ASP A 74 -14.53 -18.55 -24.90
C ASP A 74 -14.93 -17.49 -23.87
N LEU A 75 -13.96 -16.75 -23.39
CA LEU A 75 -14.18 -15.73 -22.40
C LEU A 75 -15.01 -14.56 -22.90
N LEU A 76 -14.87 -14.18 -24.15
CA LEU A 76 -15.68 -13.09 -24.70
C LEU A 76 -17.20 -13.44 -24.60
N LYS A 77 -17.54 -14.70 -24.90
CA LYS A 77 -18.94 -15.14 -24.85
C LYS A 77 -19.41 -15.26 -23.39
N THR A 78 -18.62 -15.96 -22.58
CA THR A 78 -18.95 -16.21 -21.18
C THR A 78 -19.27 -14.97 -20.38
N PHE A 79 -18.48 -13.91 -20.60
CA PHE A 79 -18.64 -12.67 -19.84
C PHE A 79 -19.20 -11.54 -20.71
N ARG A 80 -19.81 -11.90 -21.84
CA ARG A 80 -20.43 -10.96 -22.78
C ARG A 80 -19.60 -9.69 -22.96
N ILE A 81 -18.36 -9.91 -23.33
CA ILE A 81 -17.46 -8.82 -23.60
C ILE A 81 -17.46 -8.61 -25.09
N SER A 82 -17.85 -7.41 -25.50
CA SER A 82 -17.76 -7.02 -26.89
C SER A 82 -16.29 -7.08 -27.44
N SER A 83 -16.12 -7.50 -28.68
CA SER A 83 -14.84 -7.57 -29.38
C SER A 83 -14.22 -6.21 -29.63
N ASP A 84 -15.02 -5.24 -30.08
CA ASP A 84 -14.52 -3.89 -30.31
C ASP A 84 -13.97 -3.34 -29.00
N THR A 85 -14.78 -3.46 -27.97
CA THR A 85 -14.46 -2.96 -26.63
C THR A 85 -13.22 -3.62 -26.09
N PHE A 86 -13.08 -4.92 -26.32
CA PHE A 86 -11.94 -5.66 -25.84
C PHE A 86 -10.67 -5.23 -26.61
N ILE A 87 -10.78 -5.06 -27.93
CA ILE A 87 -9.63 -4.68 -28.76
C ILE A 87 -9.16 -3.27 -28.42
N THR A 88 -10.11 -2.35 -28.22
CA THR A 88 -9.74 -0.97 -27.91
C THR A 88 -8.99 -0.86 -26.58
N TYR A 89 -9.41 -1.66 -25.60
CA TYR A 89 -8.80 -1.67 -24.29
C TYR A 89 -7.41 -2.23 -24.38
N MET A 90 -7.29 -3.38 -25.05
CA MET A 90 -5.99 -4.02 -25.18
C MET A 90 -5.01 -3.19 -25.96
N MET A 91 -5.45 -2.53 -27.02
CA MET A 91 -4.53 -1.71 -27.80
C MET A 91 -4.06 -0.48 -26.99
N THR A 92 -4.96 0.08 -26.20
CA THR A 92 -4.63 1.23 -25.35
C THR A 92 -3.68 0.79 -24.22
N LEU A 93 -3.98 -0.35 -23.61
CA LEU A 93 -3.13 -0.88 -22.58
C LEU A 93 -1.70 -1.12 -23.12
N GLU A 94 -1.63 -1.70 -24.31
CA GLU A 94 -0.35 -2.03 -24.92
C GLU A 94 0.43 -0.78 -25.29
N ASP A 95 -0.27 0.26 -25.75
CA ASP A 95 0.40 1.52 -26.09
C ASP A 95 0.96 2.23 -24.87
N HIS A 96 0.49 1.79 -23.70
CA HIS A 96 0.91 2.28 -22.40
C HIS A 96 2.17 1.60 -21.88
N TYR A 97 2.54 0.46 -22.46
CA TYR A 97 3.86 -0.12 -22.17
C TYR A 97 4.78 0.74 -23.04
N HIS A 98 5.98 1.03 -22.57
CA HIS A 98 6.96 1.84 -23.28
C HIS A 98 7.78 1.03 -24.25
N SER A 99 7.76 1.40 -25.52
CA SER A 99 8.52 0.68 -26.55
C SER A 99 10.06 0.89 -26.49
N ASP A 100 10.53 1.95 -25.84
CA ASP A 100 11.99 2.20 -25.69
C ASP A 100 12.59 1.60 -24.41
N VAL A 101 11.88 0.73 -23.72
CA VAL A 101 12.41 0.08 -22.53
C VAL A 101 12.69 -1.33 -23.03
N ALA A 102 13.89 -1.81 -22.75
CA ALA A 102 14.39 -3.02 -23.38
C ALA A 102 13.71 -4.31 -22.99
N TYR A 103 13.42 -4.50 -21.69
CA TYR A 103 12.78 -5.70 -21.23
C TYR A 103 11.29 -5.50 -20.88
N HIS A 104 10.96 -4.54 -20.03
CA HIS A 104 9.56 -4.36 -19.59
C HIS A 104 8.67 -3.58 -20.59
N ASN A 105 8.65 -4.06 -21.85
CA ASN A 105 7.82 -3.51 -22.90
C ASN A 105 6.61 -4.49 -23.08
N SER A 106 5.78 -4.29 -24.10
CA SER A 106 4.56 -5.11 -24.23
C SER A 106 4.80 -6.61 -24.54
N LEU A 107 5.98 -6.94 -25.05
CA LEU A 107 6.33 -8.33 -25.36
C LEU A 107 6.45 -9.16 -24.09
N HIS A 108 7.03 -8.60 -23.03
CA HIS A 108 7.07 -9.25 -21.73
C HIS A 108 5.64 -9.47 -21.19
N ALA A 109 4.77 -8.47 -21.23
CA ALA A 109 3.39 -8.69 -20.77
C ALA A 109 2.74 -9.81 -21.60
N ALA A 110 2.93 -9.76 -22.93
CA ALA A 110 2.30 -10.79 -23.78
C ALA A 110 2.76 -12.22 -23.37
N ASP A 111 4.04 -12.33 -23.04
CA ASP A 111 4.66 -13.58 -22.68
C ASP A 111 4.15 -14.09 -21.36
N VAL A 112 3.97 -13.19 -20.41
CA VAL A 112 3.53 -13.58 -19.08
C VAL A 112 2.07 -14.05 -19.18
N ALA A 113 1.29 -13.38 -20.02
CA ALA A 113 -0.12 -13.72 -20.24
C ALA A 113 -0.26 -15.12 -20.88
N GLN A 114 0.54 -15.38 -21.92
CA GLN A 114 0.54 -16.68 -22.64
C GLN A 114 1.02 -17.80 -21.72
N SER A 115 2.03 -17.52 -20.91
CA SER A 115 2.55 -18.49 -19.95
C SER A 115 1.51 -18.85 -18.88
N THR A 116 0.79 -17.85 -18.37
CA THR A 116 -0.25 -18.03 -17.37
C THR A 116 -1.43 -18.89 -18.00
N HIS A 117 -1.71 -18.61 -19.26
CA HIS A 117 -2.74 -19.36 -19.99
C HIS A 117 -2.41 -20.86 -20.06
N VAL A 118 -1.12 -21.20 -20.19
CA VAL A 118 -0.72 -22.60 -20.23
C VAL A 118 -0.75 -23.23 -18.82
N LEU A 119 -0.29 -22.47 -17.82
CA LEU A 119 -0.23 -22.95 -16.42
C LEU A 119 -1.60 -23.22 -15.85
N LEU A 120 -2.59 -22.47 -16.29
CA LEU A 120 -3.96 -22.64 -15.86
C LEU A 120 -4.52 -23.98 -16.36
N SER A 121 -4.00 -24.51 -17.47
CA SER A 121 -4.42 -25.81 -18.01
C SER A 121 -3.65 -27.00 -17.47
N THR A 122 -2.76 -26.80 -16.51
CA THR A 122 -1.98 -27.91 -16.02
C THR A 122 -2.95 -28.98 -15.50
N PRO A 123 -2.74 -30.25 -15.86
CA PRO A 123 -3.67 -31.33 -15.44
C PRO A 123 -4.01 -31.36 -13.95
N ALA A 124 -3.05 -31.07 -13.08
CA ALA A 124 -3.30 -31.08 -11.64
C ALA A 124 -4.34 -30.02 -11.19
N LEU A 125 -4.48 -28.94 -11.96
CA LEU A 125 -5.42 -27.87 -11.60
C LEU A 125 -6.73 -27.91 -12.36
N ASP A 126 -6.98 -29.01 -13.04
CA ASP A 126 -8.20 -29.21 -13.85
C ASP A 126 -9.52 -29.05 -13.05
N ALA A 127 -10.37 -28.14 -13.55
CA ALA A 127 -11.70 -27.79 -13.02
C ALA A 127 -11.67 -27.17 -11.63
N VAL A 128 -10.50 -26.71 -11.20
CA VAL A 128 -10.32 -26.15 -9.87
C VAL A 128 -10.77 -24.68 -9.78
N PHE A 129 -10.60 -23.93 -10.87
CA PHE A 129 -10.88 -22.51 -10.88
C PHE A 129 -12.17 -22.18 -11.61
N THR A 130 -12.86 -21.14 -11.11
CA THR A 130 -14.04 -20.65 -11.76
C THR A 130 -13.62 -19.92 -13.03
N ASP A 131 -14.60 -19.60 -13.89
CA ASP A 131 -14.30 -18.81 -15.06
C ASP A 131 -13.83 -17.40 -14.68
N LEU A 132 -14.36 -16.84 -13.58
CA LEU A 132 -13.96 -15.50 -13.14
C LEU A 132 -12.48 -15.44 -12.66
N GLU A 133 -11.99 -16.54 -12.08
CA GLU A 133 -10.64 -16.62 -11.58
C GLU A 133 -9.67 -16.78 -12.74
N ILE A 134 -10.11 -17.45 -13.79
CA ILE A 134 -9.32 -17.65 -14.99
C ILE A 134 -9.18 -16.29 -15.71
N LEU A 135 -10.30 -15.60 -15.87
CA LEU A 135 -10.31 -14.24 -16.46
C LEU A 135 -9.39 -13.28 -15.68
N ALA A 136 -9.53 -13.25 -14.35
CA ALA A 136 -8.72 -12.40 -13.48
C ALA A 136 -7.19 -12.60 -13.60
N ALA A 137 -6.76 -13.85 -13.63
CA ALA A 137 -5.34 -14.27 -13.72
C ALA A 137 -4.73 -13.86 -15.03
N ILE A 138 -5.48 -14.06 -16.11
CA ILE A 138 -4.99 -13.68 -17.43
C ILE A 138 -4.99 -12.14 -17.53
N PHE A 139 -6.05 -11.46 -17.08
CA PHE A 139 -6.07 -9.97 -17.08
C PHE A 139 -4.89 -9.39 -16.25
N ALA A 140 -4.62 -9.99 -15.10
CA ALA A 140 -3.54 -9.56 -14.24
C ALA A 140 -2.22 -9.68 -14.96
N ALA A 141 -2.03 -10.76 -15.70
CA ALA A 141 -0.77 -10.95 -16.43
C ALA A 141 -0.55 -9.85 -17.46
N ALA A 142 -1.60 -9.52 -18.19
CA ALA A 142 -1.53 -8.50 -19.23
C ALA A 142 -1.16 -7.07 -18.76
N ILE A 143 -1.76 -6.64 -17.65
CA ILE A 143 -1.54 -5.29 -17.11
C ILE A 143 -0.38 -5.23 -16.14
N HIS A 144 0.15 -6.38 -15.77
CA HIS A 144 1.03 -6.46 -14.61
C HIS A 144 2.30 -5.59 -14.58
N ASP A 145 2.81 -5.10 -15.71
CA ASP A 145 3.98 -4.19 -15.69
C ASP A 145 3.69 -2.95 -16.56
N VAL A 146 2.41 -2.58 -16.74
CA VAL A 146 2.08 -1.46 -17.64
C VAL A 146 2.66 -0.13 -17.17
N ASP A 147 3.13 0.65 -18.13
CA ASP A 147 3.79 1.93 -17.86
C ASP A 147 5.10 1.80 -17.04
N HIS A 148 5.81 0.67 -17.16
CA HIS A 148 7.11 0.47 -16.46
C HIS A 148 8.14 1.40 -17.07
N PRO A 149 8.86 2.19 -16.26
CA PRO A 149 9.83 3.17 -16.78
C PRO A 149 11.21 2.61 -17.05
N GLY A 150 11.47 1.36 -16.68
CA GLY A 150 12.75 0.71 -16.94
C GLY A 150 13.77 0.84 -15.83
N VAL A 151 13.27 1.16 -14.64
CA VAL A 151 14.12 1.28 -13.45
C VAL A 151 13.39 0.59 -12.32
N SER A 152 14.14 0.14 -11.32
CA SER A 152 13.59 -0.61 -10.18
C SER A 152 12.94 0.24 -9.10
N ASN A 153 12.09 -0.39 -8.28
CA ASN A 153 11.45 0.24 -7.14
C ASN A 153 12.50 0.99 -6.33
N GLN A 154 13.67 0.37 -6.08
CA GLN A 154 14.71 0.99 -5.23
C GLN A 154 15.25 2.28 -5.83
N PHE A 155 15.43 2.30 -7.15
CA PHE A 155 15.89 3.48 -7.87
C PHE A 155 14.88 4.60 -7.73
N LEU A 156 13.60 4.28 -7.93
CA LEU A 156 12.55 5.28 -7.81
C LEU A 156 12.49 5.88 -6.41
N ILE A 157 12.68 5.06 -5.38
CA ILE A 157 12.75 5.49 -3.98
C ILE A 157 13.99 6.38 -3.63
N ASN A 158 15.20 6.02 -4.11
CA ASN A 158 16.43 6.79 -3.78
C ASN A 158 16.53 8.12 -4.54
N THR A 159 15.83 8.23 -5.67
CA THR A 159 15.84 9.46 -6.45
C THR A 159 14.64 10.32 -6.13
N ASN A 160 13.90 9.95 -5.07
CA ASN A 160 12.72 10.71 -4.64
C ASN A 160 11.76 10.97 -5.80
N SER A 161 11.50 9.97 -6.62
CA SER A 161 10.58 10.17 -7.73
C SER A 161 9.19 10.42 -7.25
N GLU A 162 8.39 10.99 -8.13
CA GLU A 162 7.01 11.29 -7.82
C GLU A 162 6.21 10.02 -7.53
N LEU A 163 6.53 8.93 -8.20
CA LEU A 163 5.84 7.67 -7.98
C LEU A 163 6.06 7.16 -6.55
N ALA A 164 7.28 7.20 -6.07
CA ALA A 164 7.61 6.75 -4.70
C ALA A 164 6.97 7.65 -3.62
N LEU A 165 6.93 8.97 -3.85
CA LEU A 165 6.21 9.87 -2.96
C LEU A 165 4.71 9.56 -2.95
N MET A 166 4.17 9.25 -4.12
CA MET A 166 2.76 8.91 -4.24
C MET A 166 2.41 7.63 -3.45
N TYR A 167 3.23 6.58 -3.59
CA TYR A 167 3.01 5.29 -2.96
C TYR A 167 3.80 5.03 -1.67
N ASN A 168 4.41 6.04 -1.08
CA ASN A 168 5.14 5.85 0.18
C ASN A 168 6.13 4.66 0.21
N ASP A 169 6.91 4.53 -0.86
CA ASP A 169 7.96 3.50 -0.95
C ASP A 169 7.51 2.04 -0.94
N GLU A 170 6.22 1.75 -0.89
CA GLU A 170 5.74 0.36 -0.81
C GLU A 170 5.25 -0.15 -2.18
N SER A 171 5.85 -1.23 -2.68
CA SER A 171 5.52 -1.81 -3.98
C SER A 171 5.15 -0.69 -4.97
N VAL A 172 6.11 0.22 -5.15
CA VAL A 172 5.89 1.43 -5.92
C VAL A 172 5.38 1.15 -7.32
N LEU A 173 6.15 0.41 -8.12
CA LEU A 173 5.77 0.10 -9.48
C LEU A 173 4.42 -0.66 -9.62
N GLU A 174 4.24 -1.64 -8.75
CA GLU A 174 3.16 -2.60 -8.79
C GLU A 174 1.83 -1.95 -8.49
N ASN A 175 1.80 -1.11 -7.46
CA ASN A 175 0.64 -0.28 -7.22
C ASN A 175 0.37 0.55 -8.46
N HIS A 176 1.43 1.06 -9.08
CA HIS A 176 1.24 1.91 -10.27
C HIS A 176 0.62 1.16 -11.49
N HIS A 177 1.11 -0.05 -11.80
CA HIS A 177 0.63 -0.84 -12.95
C HIS A 177 -0.86 -1.15 -12.72
N LEU A 178 -1.20 -1.47 -11.48
CA LEU A 178 -2.59 -1.75 -11.15
C LEU A 178 -3.46 -0.54 -11.36
N ALA A 179 -2.92 0.63 -11.00
CA ALA A 179 -3.65 1.88 -11.08
C ALA A 179 -3.95 2.25 -12.53
N VAL A 180 -2.96 2.08 -13.40
CA VAL A 180 -3.15 2.40 -14.81
C VAL A 180 -4.15 1.42 -15.46
N GLY A 181 -3.96 0.14 -15.20
CA GLY A 181 -4.80 -0.87 -15.79
C GLY A 181 -6.27 -0.69 -15.45
N PHE A 182 -6.55 -0.43 -14.17
CA PHE A 182 -7.92 -0.24 -13.70
C PHE A 182 -8.44 1.13 -14.11
N LYS A 183 -7.54 2.10 -14.28
CA LYS A 183 -7.94 3.45 -14.74
C LYS A 183 -8.55 3.40 -16.14
N LEU A 184 -7.93 2.63 -17.02
CA LEU A 184 -8.35 2.50 -18.39
C LEU A 184 -9.72 1.84 -18.55
N LEU A 185 -10.12 1.01 -17.58
CA LEU A 185 -11.44 0.41 -17.56
C LEU A 185 -12.58 1.43 -17.26
N GLN A 186 -12.22 2.61 -16.73
CA GLN A 186 -13.17 3.68 -16.42
C GLN A 186 -13.36 4.58 -17.66
N GLU A 187 -14.29 4.19 -18.53
CA GLU A 187 -14.59 4.82 -19.84
C GLU A 187 -15.42 3.75 -20.53
N GLU A 188 -16.68 4.05 -20.91
CA GLU A 188 -17.60 3.06 -21.54
C GLU A 188 -17.00 2.28 -22.72
N HIS A 189 -16.41 3.02 -23.66
CA HIS A 189 -15.70 2.51 -24.85
C HIS A 189 -14.44 1.67 -24.46
N CME A 190 -14.43 1.21 -23.21
CA CME A 190 -13.25 0.44 -22.78
CB CME A 190 -12.13 1.42 -22.40
SG CME A 190 -11.16 1.85 -23.80
SD CME A 190 -9.32 2.46 -23.36
CE CME A 190 -9.45 3.71 -22.11
CZ CME A 190 -9.42 5.06 -22.76
OH CME A 190 -10.26 5.32 -23.62
C CME A 190 -13.41 -0.49 -21.59
O CME A 190 -12.59 -1.34 -21.35
N ASP A 191 -14.61 -0.46 -21.00
CA ASP A 191 -14.95 -1.31 -19.86
C ASP A 191 -15.34 -2.72 -20.33
N ILE A 192 -14.35 -3.60 -20.38
CA ILE A 192 -14.54 -4.99 -20.77
C ILE A 192 -15.28 -5.79 -19.71
N PHE A 193 -15.44 -5.24 -18.51
CA PHE A 193 -16.10 -5.96 -17.43
C PHE A 193 -17.52 -5.44 -17.15
N MET A 194 -18.05 -4.61 -18.04
CA MET A 194 -19.37 -4.00 -17.82
C MET A 194 -20.54 -4.97 -17.72
N ASN A 195 -20.41 -6.16 -18.26
CA ASN A 195 -21.47 -7.17 -18.20
C ASN A 195 -21.30 -8.20 -17.09
N LEU A 196 -20.29 -8.04 -16.22
CA LEU A 196 -20.17 -8.88 -15.02
C LEU A 196 -21.12 -8.24 -13.98
N THR A 197 -21.44 -8.94 -12.89
CA THR A 197 -22.22 -8.29 -11.84
C THR A 197 -21.27 -7.43 -11.00
N LYS A 198 -21.86 -6.58 -10.15
CA LYS A 198 -21.11 -5.75 -9.23
C LYS A 198 -20.28 -6.70 -8.37
N LYS A 199 -20.94 -7.76 -7.90
CA LYS A 199 -20.31 -8.77 -7.07
C LYS A 199 -19.11 -9.40 -7.78
N GLN A 200 -19.28 -9.75 -9.05
CA GLN A 200 -18.21 -10.32 -9.83
C GLN A 200 -17.05 -9.33 -10.05
N ARG A 201 -17.33 -8.06 -10.34
CA ARG A 201 -16.32 -7.02 -10.57
C ARG A 201 -15.46 -6.77 -9.30
N GLN A 202 -16.13 -6.79 -8.16
CA GLN A 202 -15.50 -6.65 -6.85
C GLN A 202 -14.52 -7.80 -6.56
N THR A 203 -14.99 -9.04 -6.76
CA THR A 203 -14.16 -10.22 -6.54
C THR A 203 -12.94 -10.25 -7.49
N LEU A 204 -13.17 -9.87 -8.76
CA LEU A 204 -12.09 -9.82 -9.76
C LEU A 204 -11.06 -8.76 -9.37
N ARG A 205 -11.53 -7.57 -8.98
CA ARG A 205 -10.63 -6.48 -8.59
C ARG A 205 -9.76 -6.88 -7.41
N LYS A 206 -10.36 -7.53 -6.42
CA LYS A 206 -9.61 -8.03 -5.26
C LYS A 206 -8.55 -9.02 -5.72
N MET A 207 -8.94 -9.95 -6.60
CA MET A 207 -8.02 -10.99 -7.06
C MET A 207 -6.87 -10.41 -7.88
N VAL A 208 -7.17 -9.48 -8.78
CA VAL A 208 -6.15 -8.85 -9.65
C VAL A 208 -5.14 -8.03 -8.81
N ILE A 209 -5.63 -7.17 -7.94
CA ILE A 209 -4.76 -6.42 -7.05
C ILE A 209 -3.77 -7.36 -6.34
N ASP A 210 -4.33 -8.41 -5.76
CA ASP A 210 -3.58 -9.40 -5.03
C ASP A 210 -2.49 -10.00 -5.91
N MET A 211 -2.88 -10.45 -7.11
CA MET A 211 -1.92 -11.07 -8.03
C MET A 211 -0.83 -10.13 -8.52
N VAL A 212 -1.15 -8.89 -8.88
CA VAL A 212 -0.09 -7.99 -9.35
C VAL A 212 0.83 -7.55 -8.19
N LEU A 213 0.29 -7.34 -7.00
CA LEU A 213 1.15 -7.00 -5.86
C LEU A 213 2.12 -8.16 -5.59
N ALA A 214 1.68 -9.39 -5.86
CA ALA A 214 2.60 -10.52 -5.67
C ALA A 214 3.76 -10.63 -6.68
N THR A 215 3.80 -9.81 -7.75
CA THR A 215 4.92 -9.84 -8.69
C THR A 215 6.08 -8.98 -8.18
N ASP A 216 5.91 -8.30 -7.04
CA ASP A 216 6.94 -7.43 -6.46
C ASP A 216 7.99 -8.37 -5.89
N MET A 217 9.20 -8.32 -6.44
CA MET A 217 10.26 -9.25 -6.05
C MET A 217 10.64 -9.24 -4.55
N SER A 218 10.44 -8.11 -3.88
CA SER A 218 10.77 -8.04 -2.45
C SER A 218 9.82 -8.95 -1.59
N LYS A 219 8.77 -9.47 -2.21
CA LYS A 219 7.81 -10.39 -1.58
C LYS A 219 8.08 -11.88 -1.94
N HIS A 220 9.11 -12.13 -2.73
CA HIS A 220 9.42 -13.46 -3.23
C HIS A 220 9.61 -14.52 -2.13
N MET A 221 10.56 -14.29 -1.23
CA MET A 221 10.85 -15.21 -0.11
C MET A 221 9.59 -15.54 0.71
N SER A 222 8.76 -14.53 0.94
CA SER A 222 7.53 -14.70 1.71
C SER A 222 6.58 -15.63 1.03
N LEU A 223 6.43 -15.40 -0.26
CA LEU A 223 5.52 -16.14 -1.10
C LEU A 223 5.91 -17.61 -1.23
N LEU A 224 7.21 -17.86 -1.35
CA LEU A 224 7.80 -19.19 -1.55
C LEU A 224 7.62 -20.04 -0.27
N ALA A 225 7.87 -19.42 0.88
CA ALA A 225 7.70 -20.06 2.17
C ALA A 225 6.23 -20.52 2.31
N ASP A 226 5.30 -19.66 1.92
CA ASP A 226 3.89 -19.98 2.02
C ASP A 226 3.47 -21.07 1.05
N LEU A 227 4.08 -21.07 -0.14
CA LEU A 227 3.79 -22.08 -1.14
C LEU A 227 4.31 -23.45 -0.67
N LYS A 228 5.43 -23.45 0.05
CA LYS A 228 6.05 -24.68 0.59
C LYS A 228 5.18 -25.30 1.68
N THR A 229 4.49 -24.46 2.45
CA THR A 229 3.57 -24.92 3.49
C THR A 229 2.29 -25.50 2.86
N MET A 230 1.88 -24.93 1.72
CA MET A 230 0.72 -25.42 1.00
C MET A 230 1.00 -26.81 0.39
N VAL A 231 2.22 -27.02 -0.10
CA VAL A 231 2.61 -28.33 -0.62
C VAL A 231 2.59 -29.35 0.53
N GLU A 232 3.24 -29.02 1.64
CA GLU A 232 3.30 -29.87 2.84
C GLU A 232 1.95 -30.52 3.14
N THR A 233 0.87 -29.74 3.08
CA THR A 233 -0.48 -30.21 3.39
C THR A 233 -1.36 -30.33 2.14
N LYS A 234 -0.76 -30.73 1.03
CA LYS A 234 -1.43 -30.92 -0.25
C LYS A 234 -2.37 -32.13 -0.20
N LYS A 235 -3.58 -31.94 -0.73
CA LYS A 235 -4.59 -32.99 -0.79
C LYS A 235 -5.13 -33.10 -2.23
N VAL A 236 -5.23 -34.34 -2.74
CA VAL A 236 -5.70 -34.56 -4.11
C VAL A 236 -6.89 -35.52 -4.19
N THR A 237 -7.70 -35.40 -5.23
CA THR A 237 -8.82 -36.31 -5.40
C THR A 237 -8.22 -37.68 -5.71
N SER A 238 -9.06 -38.71 -5.74
CA SER A 238 -8.58 -40.06 -6.08
C SER A 238 -7.72 -40.12 -7.37
N SER A 239 -7.94 -39.16 -8.30
CA SER A 239 -7.26 -39.10 -9.61
C SER A 239 -6.16 -38.02 -9.78
N GLY A 240 -5.50 -37.66 -8.68
CA GLY A 240 -4.43 -36.67 -8.71
C GLY A 240 -4.79 -35.26 -9.19
N VAL A 241 -5.86 -34.69 -8.63
CA VAL A 241 -6.28 -33.33 -8.93
C VAL A 241 -6.37 -32.59 -7.60
N LEU A 242 -5.61 -31.49 -7.48
CA LEU A 242 -5.57 -30.68 -6.26
C LEU A 242 -6.94 -30.38 -5.69
N LEU A 243 -7.00 -30.33 -4.36
CA LEU A 243 -8.21 -30.03 -3.64
C LEU A 243 -8.01 -28.66 -3.02
N LEU A 244 -8.75 -27.68 -3.51
CA LEU A 244 -8.66 -26.33 -2.99
C LEU A 244 -10.00 -25.92 -2.40
N ASP A 245 -10.08 -26.01 -1.07
CA ASP A 245 -11.30 -25.71 -0.30
C ASP A 245 -11.77 -24.26 -0.44
N ASN A 246 -11.07 -23.35 0.23
CA ASN A 246 -11.48 -21.96 0.33
C ASN A 246 -10.92 -21.00 -0.71
N TYR A 247 -11.53 -19.83 -0.78
CA TYR A 247 -11.01 -18.79 -1.64
C TYR A 247 -9.53 -18.61 -1.33
N THR A 248 -9.16 -18.64 -0.04
CA THR A 248 -7.78 -18.42 0.42
C THR A 248 -6.74 -19.24 -0.31
N ASP A 249 -7.02 -20.51 -0.42
CA ASP A 249 -6.12 -21.45 -1.07
C ASP A 249 -6.06 -21.25 -2.58
N ARG A 250 -7.20 -20.94 -3.19
CA ARG A 250 -7.27 -20.73 -4.63
C ARG A 250 -6.48 -19.52 -5.06
N ILE A 251 -6.63 -18.39 -4.37
CA ILE A 251 -5.88 -17.17 -4.74
C ILE A 251 -4.40 -17.28 -4.36
N GLN A 252 -4.06 -18.14 -3.41
CA GLN A 252 -2.64 -18.34 -3.08
C GLN A 252 -1.93 -19.06 -4.23
N VAL A 253 -2.63 -20.02 -4.87
CA VAL A 253 -2.08 -20.75 -6.02
C VAL A 253 -2.02 -19.81 -7.19
N LEU A 254 -3.09 -19.04 -7.42
CA LEU A 254 -3.11 -18.07 -8.53
C LEU A 254 -1.98 -17.04 -8.37
N ARG A 255 -1.83 -16.47 -7.18
CA ARG A 255 -0.72 -15.54 -6.86
C ARG A 255 0.62 -16.10 -7.37
N ASN A 256 0.92 -17.31 -6.90
CA ASN A 256 2.16 -18.01 -7.20
C ASN A 256 2.31 -18.39 -8.65
N MET A 257 1.18 -18.66 -9.29
CA MET A 257 1.18 -18.99 -10.71
C MET A 257 1.63 -17.78 -11.55
N VAL A 258 1.10 -16.60 -11.26
CA VAL A 258 1.46 -15.40 -12.03
C VAL A 258 2.91 -15.06 -11.77
N HIS A 259 3.37 -15.34 -10.55
CA HIS A 259 4.74 -15.06 -10.16
C HIS A 259 5.68 -16.03 -10.88
N CYS A 260 5.26 -17.28 -11.10
CA CYS A 260 6.09 -18.24 -11.85
C CYS A 260 6.13 -17.80 -13.31
N ALA A 261 4.99 -17.37 -13.84
CA ALA A 261 4.95 -16.89 -15.22
C ALA A 261 5.90 -15.69 -15.40
N ASP A 262 5.94 -14.78 -14.43
CA ASP A 262 6.89 -13.68 -14.45
C ASP A 262 8.32 -14.17 -14.44
N LEU A 263 8.61 -15.21 -13.67
CA LEU A 263 9.97 -15.79 -13.60
C LEU A 263 10.12 -17.05 -14.42
N SER A 264 9.48 -17.08 -15.58
CA SER A 264 9.55 -18.25 -16.45
C SER A 264 10.58 -18.16 -17.57
N ASN A 265 11.24 -17.04 -17.78
CA ASN A 265 12.22 -16.97 -18.89
C ASN A 265 13.21 -18.16 -18.90
N PRO A 266 13.82 -18.51 -17.76
CA PRO A 266 14.78 -19.62 -17.73
C PRO A 266 14.23 -21.03 -17.94
N THR A 267 12.91 -21.20 -17.93
CA THR A 267 12.30 -22.51 -18.18
C THR A 267 11.89 -22.72 -19.64
N LYS A 268 12.13 -21.70 -20.49
CA LYS A 268 11.78 -21.76 -21.90
C LYS A 268 13.00 -22.26 -22.66
N SER A 269 12.84 -22.51 -23.96
CA SER A 269 13.96 -23.02 -24.77
C SER A 269 15.15 -22.06 -24.71
N LEU A 270 16.35 -22.61 -24.75
CA LEU A 270 17.56 -21.84 -24.68
C LEU A 270 17.55 -20.62 -25.61
N GLU A 271 17.12 -20.80 -26.85
CA GLU A 271 17.01 -19.73 -27.84
C GLU A 271 16.18 -18.53 -27.34
N LEU A 272 15.04 -18.82 -26.72
CA LEU A 272 14.15 -17.79 -26.17
C LEU A 272 14.79 -17.17 -24.94
N TYR A 273 15.30 -18.01 -24.05
CA TYR A 273 15.91 -17.56 -22.82
C TYR A 273 17.05 -16.55 -23.06
N ARG A 274 17.90 -16.80 -24.05
CA ARG A 274 19.05 -15.92 -24.30
C ARG A 274 18.63 -14.53 -24.78
N GLN A 275 17.54 -14.43 -25.55
CA GLN A 275 17.04 -13.14 -26.02
C GLN A 275 16.44 -12.38 -24.83
N TRP A 276 15.78 -13.08 -23.92
CA TRP A 276 15.26 -12.44 -22.71
C TRP A 276 16.39 -11.95 -21.82
N THR A 277 17.47 -12.72 -21.74
CA THR A 277 18.66 -12.35 -20.94
C THR A 277 19.28 -11.12 -21.52
N ASP A 278 19.46 -11.10 -22.83
CA ASP A 278 19.96 -9.91 -23.50
C ASP A 278 19.11 -8.65 -23.18
N ARG A 279 17.80 -8.80 -23.10
CA ARG A 279 16.95 -7.64 -22.91
C ARG A 279 17.01 -7.14 -21.49
N ILE A 280 16.98 -8.04 -20.51
CA ILE A 280 17.02 -7.60 -19.14
C ILE A 280 18.39 -6.97 -18.81
N MET A 281 19.48 -7.45 -19.41
CA MET A 281 20.81 -6.88 -19.15
C MET A 281 20.91 -5.48 -19.75
N GLU A 282 20.44 -5.32 -20.97
CA GLU A 282 20.34 -4.00 -21.59
C GLU A 282 19.62 -3.03 -20.63
N GLU A 283 18.45 -3.44 -20.12
CA GLU A 283 17.68 -2.57 -19.23
C GLU A 283 18.41 -2.26 -17.90
N PHE A 284 18.94 -3.30 -17.27
CA PHE A 284 19.67 -3.17 -16.01
C PHE A 284 20.95 -2.28 -16.18
N PHE A 285 21.67 -2.45 -17.29
CA PHE A 285 22.88 -1.65 -17.53
C PHE A 285 22.53 -0.16 -17.83
N GLN A 286 21.39 0.10 -18.49
CA GLN A 286 20.89 1.48 -18.73
C GLN A 286 20.60 2.15 -17.36
N GLN A 287 20.06 1.37 -16.42
CA GLN A 287 19.79 1.88 -15.07
C GLN A 287 21.14 2.21 -14.42
N GLY A 288 22.11 1.32 -14.55
CA GLY A 288 23.46 1.52 -14.01
C GLY A 288 24.09 2.78 -14.54
N ASP A 289 23.93 3.07 -15.83
CA ASP A 289 24.45 4.32 -16.41
C ASP A 289 23.76 5.55 -15.79
N LYS A 290 22.45 5.48 -15.55
CA LYS A 290 21.76 6.60 -14.92
C LYS A 290 22.26 6.75 -13.48
N GLU A 291 22.53 5.63 -12.79
CA GLU A 291 23.00 5.70 -11.41
C GLU A 291 24.37 6.43 -11.39
N ARG A 292 25.29 6.02 -12.27
CA ARG A 292 26.59 6.66 -12.36
C ARG A 292 26.49 8.16 -12.72
N GLU A 293 25.67 8.49 -13.72
CA GLU A 293 25.51 9.89 -14.16
C GLU A 293 25.19 10.78 -12.96
N ARG A 294 24.36 10.28 -12.05
CA ARG A 294 23.94 11.06 -10.87
C ARG A 294 24.83 10.94 -9.63
N GLY A 295 25.90 10.15 -9.67
CA GLY A 295 26.76 10.01 -8.50
C GLY A 295 26.09 9.22 -7.37
N MET A 296 25.26 8.25 -7.75
CA MET A 296 24.63 7.34 -6.81
C MET A 296 25.52 6.11 -6.81
N GLU A 297 25.39 5.27 -5.79
CA GLU A 297 26.07 3.99 -5.77
C GLU A 297 25.47 3.10 -6.89
N ILE A 298 26.30 2.41 -7.66
CA ILE A 298 25.78 1.56 -8.73
C ILE A 298 25.39 0.21 -8.18
N SER A 299 24.18 -0.22 -8.51
CA SER A 299 23.67 -1.54 -8.14
C SER A 299 24.61 -2.55 -8.86
N PRO A 300 25.22 -3.50 -8.13
CA PRO A 300 26.26 -4.36 -8.74
C PRO A 300 25.89 -5.15 -10.02
N MET A 301 24.64 -5.59 -10.17
CA MET A 301 24.26 -6.35 -11.35
C MET A 301 23.77 -5.46 -12.51
N CME A 302 23.96 -4.14 -12.45
CA CME A 302 23.54 -3.02 -13.22
CB CME A 302 22.55 -2.08 -12.52
SG CME A 302 20.88 -2.76 -12.51
SD CME A 302 20.67 -3.95 -10.91
CE CME A 302 19.20 -3.25 -10.20
CZ CME A 302 18.24 -4.38 -10.01
OH CME A 302 17.07 -4.14 -10.11
C CME A 302 24.85 -2.33 -13.59
O CME A 302 24.87 -1.58 -14.54
N ASP A 303 25.99 -2.73 -13.00
CA ASP A 303 27.28 -2.18 -13.39
C ASP A 303 27.87 -2.92 -14.61
N LYS A 304 27.84 -2.31 -15.79
CA LYS A 304 28.33 -2.96 -17.02
C LYS A 304 29.84 -3.19 -17.07
N HIS A 305 30.57 -2.49 -16.23
CA HIS A 305 32.06 -2.57 -16.20
C HIS A 305 32.61 -3.78 -15.40
N THR A 306 31.77 -4.38 -14.55
CA THR A 306 32.13 -5.47 -13.63
C THR A 306 31.21 -6.73 -13.67
N ALA A 307 29.92 -6.55 -13.86
CA ALA A 307 28.97 -7.68 -13.80
C ALA A 307 29.07 -8.72 -14.93
N SER A 308 29.21 -9.99 -14.55
CA SER A 308 29.23 -11.07 -15.50
C SER A 308 27.78 -11.43 -15.80
N VAL A 309 27.40 -11.39 -17.07
CA VAL A 309 26.01 -11.75 -17.45
C VAL A 309 25.73 -13.21 -17.09
N GLU A 310 26.72 -14.06 -17.32
CA GLU A 310 26.61 -15.51 -17.14
C GLU A 310 26.48 -15.92 -15.67
N LYS A 311 27.39 -15.44 -14.82
CA LYS A 311 27.32 -15.70 -13.38
C LYS A 311 26.01 -15.20 -12.82
N SER A 312 25.53 -14.07 -13.28
CA SER A 312 24.29 -13.54 -12.74
C SER A 312 23.08 -14.44 -13.06
N GLN A 313 23.08 -15.09 -14.23
CA GLN A 313 21.95 -15.95 -14.58
C GLN A 313 22.01 -17.23 -13.76
N VAL A 314 23.22 -17.78 -13.59
CA VAL A 314 23.38 -18.99 -12.79
C VAL A 314 22.90 -18.71 -11.35
N GLY A 315 23.26 -17.55 -10.79
CA GLY A 315 22.86 -17.13 -9.45
C GLY A 315 21.36 -16.99 -9.38
N PHE A 316 20.79 -16.35 -10.40
CA PHE A 316 19.36 -16.14 -10.48
C PHE A 316 18.61 -17.48 -10.50
N ILE A 317 19.14 -18.46 -11.23
CA ILE A 317 18.53 -19.79 -11.28
C ILE A 317 18.71 -20.53 -9.94
N ASP A 318 19.92 -20.58 -9.42
CA ASP A 318 20.20 -21.32 -8.18
C ASP A 318 19.45 -20.79 -6.97
N TYR A 319 19.37 -19.47 -6.84
CA TYR A 319 18.78 -18.86 -5.65
C TYR A 319 17.35 -18.40 -5.75
N ILE A 320 16.78 -18.29 -6.95
CA ILE A 320 15.42 -17.78 -7.03
C ILE A 320 14.51 -18.60 -7.91
N VAL A 321 14.89 -18.79 -9.17
CA VAL A 321 14.05 -19.49 -10.13
C VAL A 321 13.90 -20.97 -9.82
N HIS A 322 15.00 -21.70 -9.64
CA HIS A 322 14.93 -23.14 -9.36
C HIS A 322 14.16 -23.45 -8.09
N PRO A 323 14.51 -22.84 -6.95
CA PRO A 323 13.76 -23.04 -5.70
C PRO A 323 12.26 -22.85 -5.87
N LEU A 324 11.87 -21.86 -6.69
CA LEU A 324 10.46 -21.58 -6.95
C LEU A 324 9.78 -22.65 -7.79
N TRP A 325 10.39 -23.03 -8.90
CA TRP A 325 9.80 -24.01 -9.83
C TRP A 325 9.85 -25.44 -9.28
N GLU A 326 10.83 -25.70 -8.45
CA GLU A 326 10.93 -27.00 -7.80
C GLU A 326 9.69 -27.18 -6.93
N THR A 327 9.28 -26.09 -6.28
CA THR A 327 8.12 -26.08 -5.40
C THR A 327 6.82 -26.14 -6.21
N TRP A 328 6.79 -25.40 -7.32
CA TRP A 328 5.60 -25.40 -8.17
C TRP A 328 5.46 -26.84 -8.70
N ALA A 329 6.56 -27.43 -9.15
CA ALA A 329 6.57 -28.83 -9.63
C ALA A 329 6.01 -29.82 -8.62
N ASP A 330 6.27 -29.59 -7.35
CA ASP A 330 5.76 -30.45 -6.29
C ASP A 330 4.23 -30.38 -6.24
N LEU A 331 3.71 -29.16 -6.35
CA LEU A 331 2.30 -28.90 -6.24
C LEU A 331 1.49 -29.55 -7.37
N VAL A 332 2.10 -29.65 -8.54
CA VAL A 332 1.38 -30.16 -9.71
C VAL A 332 2.04 -31.36 -10.36
N GLN A 333 2.82 -32.15 -9.61
CA GLN A 333 3.57 -33.26 -10.23
C GLN A 333 2.68 -34.33 -10.81
N PRO A 334 3.13 -34.98 -11.88
CA PRO A 334 4.42 -34.74 -12.55
C PRO A 334 4.33 -33.73 -13.72
N ASP A 335 3.35 -32.83 -13.70
CA ASP A 335 3.08 -31.92 -14.81
C ASP A 335 4.23 -31.03 -15.27
N ALA A 336 5.04 -30.55 -14.33
CA ALA A 336 6.15 -29.63 -14.65
C ALA A 336 7.55 -30.24 -14.67
N GLN A 337 7.67 -31.55 -14.84
CA GLN A 337 9.01 -32.15 -14.86
C GLN A 337 9.85 -31.73 -16.06
N ASP A 338 9.24 -31.58 -17.24
CA ASP A 338 9.99 -31.17 -18.43
C ASP A 338 10.47 -29.73 -18.25
N ILE A 339 9.59 -28.88 -17.72
CA ILE A 339 9.93 -27.48 -17.44
C ILE A 339 11.19 -27.41 -16.56
N LEU A 340 11.28 -28.29 -15.57
CA LEU A 340 12.42 -28.35 -14.66
C LEU A 340 13.66 -28.87 -15.37
N ASP A 341 13.50 -29.85 -16.26
CA ASP A 341 14.62 -30.40 -17.01
C ASP A 341 15.20 -29.34 -17.92
N THR A 342 14.35 -28.56 -18.60
CA THR A 342 14.83 -27.50 -19.47
C THR A 342 15.62 -26.49 -18.66
N LEU A 343 15.09 -26.14 -17.49
CA LEU A 343 15.70 -25.17 -16.58
C LEU A 343 17.09 -25.59 -16.18
N GLU A 344 17.22 -26.83 -15.73
CA GLU A 344 18.50 -27.40 -15.30
C GLU A 344 19.52 -27.47 -16.47
N ASP A 345 19.04 -27.76 -17.67
CA ASP A 345 19.88 -27.74 -18.87
C ASP A 345 20.32 -26.29 -19.19
N ASN A 346 19.40 -25.34 -19.10
CA ASN A 346 19.74 -23.94 -19.38
C ASN A 346 20.74 -23.43 -18.33
N ARG A 347 20.57 -23.87 -17.09
CA ARG A 347 21.45 -23.49 -16.00
C ARG A 347 22.88 -23.95 -16.27
N ASN A 348 23.01 -25.17 -16.78
CA ASN A 348 24.32 -25.75 -17.12
C ASN A 348 24.97 -25.07 -18.32
N TRP A 349 24.17 -24.59 -19.27
CA TRP A 349 24.71 -23.85 -20.41
C TRP A 349 25.36 -22.52 -19.98
N TYR A 350 24.66 -21.72 -19.15
CA TYR A 350 25.24 -20.43 -18.67
C TYR A 350 26.52 -20.68 -17.85
N GLN A 351 26.49 -21.75 -17.05
CA GLN A 351 27.64 -22.17 -16.26
C GLN A 351 28.86 -22.46 -17.17
N SER A 352 28.64 -23.17 -18.28
CA SER A 352 29.71 -23.53 -19.21
C SER A 352 30.29 -22.34 -20.00
N MET A 353 29.57 -21.21 -20.04
CA MET A 353 30.04 -19.98 -20.70
C MET A 353 30.91 -19.12 -19.78
N ILE A 354 31.00 -19.52 -18.51
CA ILE A 354 31.84 -18.86 -17.52
C ILE A 354 33.19 -19.57 -17.53
N PRO A 355 34.28 -18.84 -17.74
CA PRO A 355 35.63 -19.44 -17.57
C PRO A 355 35.93 -19.65 -16.06
N GLU B 33 -1.62 37.10 21.45
CA GLU B 33 -2.04 38.27 22.22
C GLU B 33 -2.26 37.81 23.65
N ASP B 34 -2.84 38.66 24.49
CA ASP B 34 -3.06 38.30 25.88
C ASP B 34 -3.83 37.00 25.99
N HIS B 35 -5.01 36.95 25.36
CA HIS B 35 -5.87 35.77 25.43
C HIS B 35 -5.15 34.53 24.90
N LEU B 36 -4.48 34.66 23.76
CA LEU B 36 -3.75 33.53 23.13
C LEU B 36 -2.64 32.97 24.03
N ALA B 37 -1.78 33.87 24.57
CA ALA B 37 -0.72 33.51 25.50
C ALA B 37 -1.28 32.83 26.77
N LYS B 38 -2.38 33.32 27.31
CA LYS B 38 -2.98 32.67 28.50
C LYS B 38 -3.45 31.25 28.17
N GLU B 39 -4.00 31.08 26.97
CA GLU B 39 -4.40 29.76 26.54
C GLU B 39 -3.15 28.87 26.34
N LEU B 40 -2.07 29.44 25.82
CA LEU B 40 -0.84 28.65 25.57
C LEU B 40 -0.05 28.23 26.81
N GLU B 41 -0.37 28.79 27.97
CA GLU B 41 0.28 28.41 29.23
C GLU B 41 0.00 26.93 29.49
N ASP B 42 -1.12 26.43 28.96
CA ASP B 42 -1.49 25.00 29.05
C ASP B 42 -1.01 24.18 27.82
N LEU B 43 0.05 24.62 27.14
CA LEU B 43 0.58 23.87 25.98
C LEU B 43 0.92 22.42 26.35
N ASN B 44 1.60 22.23 27.49
CA ASN B 44 2.03 20.92 28.00
C ASN B 44 0.96 20.14 28.79
N LYS B 45 -0.31 20.47 28.64
CA LYS B 45 -1.35 19.83 29.43
C LYS B 45 -2.47 19.24 28.63
N TRP B 46 -3.07 18.17 29.15
CA TRP B 46 -4.22 17.51 28.54
C TRP B 46 -5.42 18.48 28.46
N GLY B 47 -5.46 19.42 29.41
CA GLY B 47 -6.53 20.43 29.50
C GLY B 47 -6.47 21.64 28.55
N LEU B 48 -5.49 21.72 27.66
CA LEU B 48 -5.47 22.78 26.66
C LEU B 48 -6.79 22.80 25.84
N ASN B 49 -7.21 23.99 25.46
CA ASN B 49 -8.39 24.20 24.69
C ASN B 49 -8.00 24.71 23.30
N ILE B 50 -7.87 23.79 22.35
CA ILE B 50 -7.48 24.14 20.98
C ILE B 50 -8.55 24.98 20.25
N PHE B 51 -9.80 24.86 20.65
CA PHE B 51 -10.86 25.72 20.08
C PHE B 51 -10.52 27.19 20.38
N ASN B 52 -10.20 27.49 21.64
CA ASN B 52 -9.81 28.85 22.03
C ASN B 52 -8.55 29.32 21.28
N VAL B 53 -7.58 28.44 21.03
CA VAL B 53 -6.40 28.92 20.34
C VAL B 53 -6.67 29.20 18.87
N ALA B 54 -7.64 28.50 18.25
CA ALA B 54 -8.03 28.75 16.87
C ALA B 54 -8.69 30.11 16.77
N GLY B 55 -9.55 30.45 17.72
CA GLY B 55 -10.23 31.75 17.76
C GLY B 55 -9.28 32.94 17.96
N TYR B 56 -8.23 32.78 18.75
CA TYR B 56 -7.27 33.87 19.00
C TYR B 56 -6.08 33.89 18.02
N SER B 57 -6.09 33.03 17.00
CA SER B 57 -4.97 32.96 16.06
C SER B 57 -5.39 33.17 14.60
N HIS B 58 -6.58 33.73 14.41
CA HIS B 58 -7.15 33.98 13.08
C HIS B 58 -7.17 32.68 12.27
N ASN B 59 -7.86 31.72 12.87
CA ASN B 59 -8.00 30.36 12.36
C ASN B 59 -6.75 29.79 11.71
N ARG B 60 -5.66 29.84 12.47
CA ARG B 60 -4.41 29.15 12.13
C ARG B 60 -4.04 28.26 13.33
N PRO B 61 -4.97 27.45 13.81
CA PRO B 61 -4.66 26.59 14.96
C PRO B 61 -3.47 25.66 14.70
N LEU B 62 -3.41 25.04 13.54
CA LEU B 62 -2.35 24.10 13.26
C LEU B 62 -0.98 24.75 13.15
N THR B 63 -0.88 25.89 12.48
CA THR B 63 0.42 26.58 12.35
C THR B 63 0.94 27.12 13.72
N CME B 64 0.14 27.86 14.47
CA CME B 64 0.16 28.30 15.81
CB CME B 64 -1.10 28.93 16.38
SG CME B 64 -0.74 29.80 17.88
SD CME B 64 0.63 31.27 17.61
CE CME B 64 2.26 30.66 17.82
CZ CME B 64 2.59 30.67 19.30
OH CME B 64 3.62 30.14 19.69
C CME B 64 0.71 27.22 16.74
O CME B 64 1.86 27.22 17.12
N ILE B 65 -0.08 26.15 16.90
CA ILE B 65 0.30 25.04 17.83
C ILE B 65 1.59 24.34 17.44
N MET B 66 1.85 24.20 16.14
CA MET B 66 3.06 23.55 15.74
C MET B 66 4.25 24.45 16.08
N TYR B 67 4.15 25.75 15.83
CA TYR B 67 5.25 26.66 16.15
C TYR B 67 5.48 26.63 17.66
N ALA B 68 4.41 26.73 18.46
CA ALA B 68 4.56 26.64 19.92
C ALA B 68 5.21 25.35 20.38
N ILE B 69 4.77 24.21 19.83
CA ILE B 69 5.32 22.92 20.23
C ILE B 69 6.82 22.78 19.90
N PHE B 70 7.21 23.25 18.70
CA PHE B 70 8.61 23.14 18.26
C PHE B 70 9.52 24.03 19.10
N GLN B 71 9.06 25.23 19.45
CA GLN B 71 9.83 26.11 20.31
C GLN B 71 10.02 25.50 21.72
N GLU B 72 8.93 25.06 22.34
CA GLU B 72 8.97 24.44 23.68
C GLU B 72 9.99 23.28 23.75
N ARG B 73 10.02 22.48 22.69
CA ARG B 73 10.91 21.33 22.62
C ARG B 73 12.33 21.64 22.05
N ASP B 74 12.59 22.88 21.66
CA ASP B 74 13.89 23.25 21.05
C ASP B 74 14.19 22.59 19.69
N LEU B 75 13.17 22.07 19.01
CA LEU B 75 13.34 21.33 17.76
C LEU B 75 13.89 22.10 16.59
N LEU B 76 13.60 23.41 16.51
CA LEU B 76 14.09 24.26 15.41
C LEU B 76 15.61 24.45 15.52
N LYS B 77 16.12 24.53 16.75
CA LYS B 77 17.57 24.63 16.92
C LYS B 77 18.23 23.25 16.76
N THR B 78 17.64 22.22 17.35
CA THR B 78 18.21 20.86 17.25
C THR B 78 18.39 20.41 15.79
N PHE B 79 17.41 20.67 14.95
CA PHE B 79 17.48 20.25 13.54
C PHE B 79 17.69 21.39 12.53
N ARG B 80 18.08 22.57 13.02
CA ARG B 80 18.41 23.71 12.17
C ARG B 80 17.36 23.95 11.13
N ILE B 81 16.13 24.06 11.61
CA ILE B 81 15.05 24.34 10.71
C ILE B 81 14.88 25.84 10.76
N SER B 82 14.93 26.49 9.60
CA SER B 82 14.68 27.92 9.55
C SER B 82 13.24 28.23 9.97
N SER B 83 13.05 29.27 10.76
CA SER B 83 11.73 29.66 11.26
C SER B 83 10.81 30.04 10.10
N ASP B 84 11.35 30.78 9.13
CA ASP B 84 10.62 31.17 7.93
C ASP B 84 10.19 29.89 7.19
N THR B 85 11.15 29.00 6.96
CA THR B 85 10.84 27.74 6.28
C THR B 85 9.79 26.90 7.00
N PHE B 86 9.84 26.89 8.32
CA PHE B 86 8.89 26.10 9.12
C PHE B 86 7.46 26.60 8.92
N ILE B 87 7.33 27.91 9.02
CA ILE B 87 6.03 28.59 8.97
C ILE B 87 5.43 28.46 7.58
N THR B 88 6.27 28.64 6.56
CA THR B 88 5.82 28.55 5.18
C THR B 88 5.26 27.15 4.92
N TYR B 89 5.96 26.13 5.38
CA TYR B 89 5.50 24.77 5.18
C TYR B 89 4.21 24.54 5.94
N MET B 90 4.16 24.98 7.19
CA MET B 90 2.98 24.75 8.05
C MET B 90 1.75 25.49 7.59
N MET B 91 1.95 26.69 7.08
CA MET B 91 0.83 27.47 6.56
C MET B 91 0.23 26.77 5.34
N THR B 92 1.09 26.27 4.46
CA THR B 92 0.65 25.55 3.26
C THR B 92 -0.04 24.21 3.59
N LEU B 93 0.56 23.47 4.53
CA LEU B 93 0.00 22.22 5.02
C LEU B 93 -1.41 22.50 5.54
N GLU B 94 -1.52 23.50 6.44
CA GLU B 94 -2.81 23.93 6.99
C GLU B 94 -3.86 24.32 5.92
N ASP B 95 -3.42 25.01 4.86
CA ASP B 95 -4.30 25.35 3.73
C ASP B 95 -4.79 24.11 2.95
N HIS B 96 -4.07 22.99 3.05
CA HIS B 96 -4.49 21.73 2.42
C HIS B 96 -5.53 20.93 3.21
N TYR B 97 -5.84 21.38 4.43
CA TYR B 97 -6.95 20.83 5.18
C TYR B 97 -8.15 21.70 4.79
N HIS B 98 -9.24 21.07 4.38
CA HIS B 98 -10.43 21.76 3.94
C HIS B 98 -11.24 22.34 5.09
N SER B 99 -11.55 23.63 5.03
CA SER B 99 -12.34 24.26 6.08
C SER B 99 -13.85 23.95 5.92
N ASP B 100 -14.27 23.40 4.79
CA ASP B 100 -15.67 23.07 4.60
C ASP B 100 -16.01 21.61 4.98
N VAL B 101 -15.14 20.96 5.73
CA VAL B 101 -15.31 19.61 6.24
C VAL B 101 -15.36 19.83 7.77
N ALA B 102 -16.41 19.34 8.39
CA ALA B 102 -16.74 19.62 9.78
C ALA B 102 -15.78 19.12 10.83
N TYR B 103 -15.35 17.87 10.71
CA TYR B 103 -14.39 17.29 11.67
C TYR B 103 -12.93 17.26 11.20
N HIS B 104 -12.67 16.63 10.04
CA HIS B 104 -11.29 16.43 9.52
C HIS B 104 -10.67 17.66 8.89
N ASN B 105 -10.66 18.74 9.66
CA ASN B 105 -10.13 20.02 9.22
C ASN B 105 -8.84 20.30 10.04
N SER B 106 -8.25 21.46 9.91
CA SER B 106 -6.94 21.65 10.55
C SER B 106 -6.99 21.73 12.06
N LEU B 107 -8.17 21.97 12.63
CA LEU B 107 -8.30 22.00 14.09
C LEU B 107 -8.08 20.59 14.67
N HIS B 108 -8.59 19.58 13.97
CA HIS B 108 -8.35 18.20 14.32
C HIS B 108 -6.85 17.89 14.24
N ALA B 109 -6.17 18.31 13.19
CA ALA B 109 -4.73 18.05 13.09
C ALA B 109 -4.02 18.74 14.23
N ALA B 110 -4.39 19.98 14.54
CA ALA B 110 -3.71 20.71 15.61
C ALA B 110 -3.89 20.01 16.99
N ASP B 111 -5.10 19.47 17.19
CA ASP B 111 -5.46 18.75 18.41
C ASP B 111 -4.64 17.46 18.58
N VAL B 112 -4.48 16.69 17.50
CA VAL B 112 -3.77 15.43 17.54
C VAL B 112 -2.29 15.70 17.71
N ALA B 113 -1.80 16.77 17.10
CA ALA B 113 -0.38 17.15 17.28
C ALA B 113 -0.12 17.57 18.72
N GLN B 114 -1.02 18.36 19.31
CA GLN B 114 -0.88 18.82 20.70
C GLN B 114 -1.03 17.66 21.69
N SER B 115 -1.98 16.78 21.43
CA SER B 115 -2.22 15.63 22.29
C SER B 115 -1.01 14.71 22.26
N THR B 116 -0.37 14.60 21.10
CA THR B 116 0.82 13.79 20.90
C THR B 116 2.00 14.45 21.64
N HIS B 117 2.09 15.77 21.56
CA HIS B 117 3.13 16.52 22.31
C HIS B 117 3.08 16.18 23.82
N VAL B 118 1.85 16.13 24.39
CA VAL B 118 1.66 15.85 25.81
C VAL B 118 2.00 14.35 26.12
N LEU B 119 1.49 13.43 25.29
CA LEU B 119 1.78 12.00 25.44
C LEU B 119 3.27 11.66 25.37
N LEU B 120 4.07 12.38 24.59
CA LEU B 120 5.51 12.09 24.54
C LEU B 120 6.21 12.41 25.87
N SER B 121 5.57 13.27 26.65
CA SER B 121 6.06 13.65 27.98
C SER B 121 5.57 12.81 29.17
N THR B 122 4.88 11.67 28.97
CA THR B 122 4.45 10.87 30.15
C THR B 122 5.70 10.35 30.84
N PRO B 123 5.71 10.44 32.18
CA PRO B 123 6.88 10.03 32.96
C PRO B 123 7.39 8.64 32.62
N ALA B 124 6.49 7.68 32.40
CA ALA B 124 6.89 6.32 32.07
C ALA B 124 7.72 6.18 30.77
N LEU B 125 7.72 7.18 29.90
CA LEU B 125 8.50 7.14 28.66
C LEU B 125 9.67 8.11 28.65
N ASP B 126 9.97 8.71 29.81
CA ASP B 126 11.04 9.72 29.96
C ASP B 126 12.39 9.28 29.41
N ALA B 127 12.96 10.07 28.50
CA ALA B 127 14.28 9.83 27.88
C ALA B 127 14.41 8.57 27.01
N VAL B 128 13.30 7.92 26.69
CA VAL B 128 13.28 6.70 25.90
C VAL B 128 13.51 6.96 24.42
N PHE B 129 12.87 8.02 23.92
CA PHE B 129 12.91 8.36 22.51
C PHE B 129 13.99 9.36 22.16
N THR B 130 14.53 9.21 20.94
CA THR B 130 15.51 10.11 20.36
C THR B 130 14.81 11.39 19.90
N ASP B 131 15.57 12.44 19.66
CA ASP B 131 15.01 13.69 19.15
C ASP B 131 14.35 13.47 17.81
N LEU B 132 14.95 12.61 17.00
CA LEU B 132 14.43 12.31 15.68
C LEU B 132 13.08 11.60 15.81
N GLU B 133 12.90 10.82 16.87
CA GLU B 133 11.66 10.12 17.06
C GLU B 133 10.59 11.11 17.51
N ILE B 134 10.97 12.10 18.32
CA ILE B 134 10.02 13.08 18.79
C ILE B 134 9.53 13.91 17.60
N LEU B 135 10.47 14.34 16.79
CA LEU B 135 10.18 15.11 15.56
C LEU B 135 9.21 14.36 14.61
N ALA B 136 9.49 13.09 14.40
CA ALA B 136 8.72 12.25 13.50
C ALA B 136 7.28 12.09 13.96
N ALA B 137 7.10 11.85 15.25
CA ALA B 137 5.78 11.65 15.83
C ALA B 137 4.97 12.92 15.77
N ILE B 138 5.59 14.07 16.04
CA ILE B 138 4.84 15.32 15.98
C ILE B 138 4.47 15.71 14.54
N PHE B 139 5.44 15.59 13.62
CA PHE B 139 5.18 15.82 12.19
C PHE B 139 4.04 14.93 11.63
N ALA B 140 4.05 13.65 12.01
CA ALA B 140 3.07 12.70 11.54
C ALA B 140 1.69 13.14 11.98
N ALA B 141 1.58 13.54 13.24
CA ALA B 141 0.31 13.99 13.77
C ALA B 141 -0.21 15.15 12.95
N ALA B 142 0.66 16.13 12.71
CA ALA B 142 0.27 17.31 11.94
C ALA B 142 -0.23 17.01 10.53
N ILE B 143 0.35 16.01 9.86
CA ILE B 143 -0.03 15.74 8.47
C ILE B 143 -1.04 14.62 8.32
N HIS B 144 -1.30 13.92 9.40
CA HIS B 144 -2.01 12.67 9.32
C HIS B 144 -3.41 12.63 8.63
N ASP B 145 -4.10 13.76 8.50
CA ASP B 145 -5.41 13.81 7.86
C ASP B 145 -5.46 14.91 6.76
N VAL B 146 -4.30 15.34 6.28
CA VAL B 146 -4.26 16.43 5.31
C VAL B 146 -4.96 16.10 4.00
N ASP B 147 -5.77 17.05 3.52
CA ASP B 147 -6.55 16.91 2.30
C ASP B 147 -7.65 15.83 2.45
N HIS B 148 -8.18 15.69 3.66
CA HIS B 148 -9.25 14.74 3.90
C HIS B 148 -10.53 15.28 3.21
N PRO B 149 -11.18 14.48 2.39
CA PRO B 149 -12.39 14.94 1.72
C PRO B 149 -13.67 14.91 2.56
N GLY B 150 -13.72 14.30 3.74
CA GLY B 150 -14.94 14.27 4.52
C GLY B 150 -15.80 13.04 4.34
N VAL B 151 -15.23 12.06 3.64
CA VAL B 151 -15.85 10.75 3.43
C VAL B 151 -14.84 9.66 3.79
N SER B 152 -15.36 8.49 4.08
CA SER B 152 -14.54 7.36 4.54
C SER B 152 -13.91 6.56 3.42
N ASN B 153 -12.93 5.71 3.78
CA ASN B 153 -12.29 4.81 2.82
C ASN B 153 -13.36 3.97 2.10
N GLN B 154 -14.27 3.36 2.85
CA GLN B 154 -15.30 2.50 2.24
C GLN B 154 -16.16 3.26 1.22
N PHE B 155 -16.49 4.52 1.50
CA PHE B 155 -17.23 5.37 0.55
C PHE B 155 -16.41 5.63 -0.74
N LEU B 156 -15.13 6.01 -0.57
CA LEU B 156 -14.22 6.23 -1.71
C LEU B 156 -14.10 4.98 -2.60
N ILE B 157 -14.01 3.81 -1.98
CA ILE B 157 -13.98 2.51 -2.65
C ILE B 157 -15.29 2.11 -3.35
N ASN B 158 -16.43 2.22 -2.66
CA ASN B 158 -17.74 1.86 -3.25
C ASN B 158 -18.13 2.73 -4.44
N THR B 159 -17.65 3.99 -4.46
CA THR B 159 -17.95 4.97 -5.52
C THR B 159 -16.91 4.96 -6.63
N ASN B 160 -15.91 4.09 -6.52
CA ASN B 160 -14.85 4.00 -7.52
C ASN B 160 -14.14 5.35 -7.69
N SER B 161 -13.96 6.10 -6.60
CA SER B 161 -13.27 7.40 -6.66
C SER B 161 -11.88 7.28 -7.22
N GLU B 162 -11.30 8.40 -7.63
CA GLU B 162 -9.93 8.43 -8.15
C GLU B 162 -8.90 7.96 -7.13
N LEU B 163 -9.11 8.33 -5.88
CA LEU B 163 -8.19 7.97 -4.83
C LEU B 163 -8.16 6.46 -4.62
N ALA B 164 -9.30 5.79 -4.66
CA ALA B 164 -9.35 4.35 -4.46
C ALA B 164 -8.70 3.63 -5.64
N LEU B 165 -8.93 4.09 -6.86
CA LEU B 165 -8.27 3.53 -8.06
C LEU B 165 -6.77 3.71 -7.96
N MET B 166 -6.34 4.88 -7.53
CA MET B 166 -4.91 5.18 -7.37
C MET B 166 -4.23 4.29 -6.34
N TYR B 167 -4.88 4.08 -5.19
CA TYR B 167 -4.33 3.28 -4.08
C TYR B 167 -4.82 1.83 -3.94
N ASN B 168 -5.52 1.31 -4.94
CA ASN B 168 -5.99 -0.07 -4.91
C ASN B 168 -6.79 -0.49 -3.63
N ASP B 169 -7.69 0.39 -3.20
CA ASP B 169 -8.54 0.14 -2.03
C ASP B 169 -7.87 -0.06 -0.67
N GLU B 170 -6.54 0.02 -0.58
CA GLU B 170 -5.79 -0.19 0.70
C GLU B 170 -5.37 1.14 1.36
N SER B 171 -5.81 1.33 2.60
CA SER B 171 -5.56 2.56 3.33
C SER B 171 -5.55 3.75 2.35
N VAL B 172 -6.65 3.90 1.64
CA VAL B 172 -6.79 4.93 0.61
C VAL B 172 -6.47 6.33 1.12
N LEU B 173 -7.18 6.82 2.13
CA LEU B 173 -6.91 8.17 2.64
C LEU B 173 -5.54 8.33 3.29
N GLU B 174 -5.13 7.30 4.02
CA GLU B 174 -3.94 7.39 4.84
C GLU B 174 -2.71 7.49 3.95
N ASN B 175 -2.68 6.68 2.89
CA ASN B 175 -1.63 6.79 1.88
C ASN B 175 -1.67 8.20 1.26
N HIS B 176 -2.85 8.73 0.97
CA HIS B 176 -2.95 10.08 0.37
C HIS B 176 -2.46 11.17 1.32
N HIS B 177 -2.78 11.11 2.62
CA HIS B 177 -2.33 12.17 3.57
C HIS B 177 -0.80 12.23 3.58
N LEU B 178 -0.18 11.06 3.57
CA LEU B 178 1.26 10.93 3.58
C LEU B 178 1.85 11.48 2.30
N ALA B 179 1.18 11.19 1.16
CA ALA B 179 1.67 11.66 -0.15
C ALA B 179 1.67 13.19 -0.21
N VAL B 180 0.56 13.81 0.22
CA VAL B 180 0.46 15.28 0.19
C VAL B 180 1.49 15.93 1.14
N GLY B 181 1.62 15.39 2.34
CA GLY B 181 2.52 15.92 3.34
C GLY B 181 3.98 15.88 2.92
N PHE B 182 4.38 14.80 2.26
CA PHE B 182 5.73 14.66 1.76
C PHE B 182 5.90 15.43 0.48
N LYS B 183 4.87 15.56 -0.35
CA LYS B 183 5.06 16.34 -1.60
C LYS B 183 5.36 17.83 -1.31
N LEU B 184 4.78 18.37 -0.25
CA LEU B 184 4.96 19.77 0.12
C LEU B 184 6.38 20.08 0.63
N LEU B 185 7.16 19.06 0.98
CA LEU B 185 8.56 19.23 1.36
C LEU B 185 9.53 19.40 0.19
N GLN B 186 9.07 19.19 -1.04
CA GLN B 186 9.97 19.17 -2.20
C GLN B 186 10.47 20.50 -2.79
N GLU B 187 9.82 21.63 -2.51
CA GLU B 187 10.36 22.94 -2.96
C GLU B 187 11.23 23.48 -1.83
N GLU B 188 12.48 23.80 -2.15
CA GLU B 188 13.50 24.28 -1.19
C GLU B 188 13.02 25.23 -0.07
N HIS B 189 12.17 26.20 -0.39
CA HIS B 189 11.69 27.16 0.62
C HIS B 189 10.56 26.63 1.54
N CME B 190 10.39 25.32 1.71
CA CME B 190 9.38 24.64 2.44
CB CME B 190 8.14 24.29 1.60
SG CME B 190 7.12 25.68 1.25
SD CME B 190 5.40 25.23 0.32
CE CME B 190 5.36 23.64 -0.36
CZ CME B 190 6.03 23.66 -1.70
OH CME B 190 6.63 22.64 -2.05
C CME B 190 10.03 23.35 2.92
O CME B 190 9.37 22.64 3.67
N ASP B 191 11.32 23.09 2.65
CA ASP B 191 11.97 21.84 3.14
C ASP B 191 12.53 21.95 4.57
N ILE B 192 11.69 21.65 5.54
CA ILE B 192 12.06 21.72 6.95
C ILE B 192 13.02 20.60 7.40
N PHE B 193 13.27 19.61 6.55
CA PHE B 193 14.16 18.51 6.90
C PHE B 193 15.48 18.58 6.10
N MET B 194 15.68 19.68 5.39
CA MET B 194 16.87 19.95 4.59
C MET B 194 18.20 19.76 5.30
N ASN B 195 18.23 19.98 6.62
CA ASN B 195 19.48 19.90 7.38
C ASN B 195 19.64 18.67 8.28
N LEU B 196 18.77 17.69 8.12
CA LEU B 196 18.94 16.40 8.76
C LEU B 196 19.98 15.73 7.84
N THR B 197 20.65 14.69 8.28
CA THR B 197 21.53 13.95 7.34
C THR B 197 20.62 13.11 6.42
N LYS B 198 21.22 12.49 5.40
CA LYS B 198 20.47 11.60 4.51
C LYS B 198 19.92 10.40 5.31
N LYS B 199 20.73 9.86 6.22
CA LYS B 199 20.28 8.74 7.03
C LYS B 199 19.07 9.11 7.88
N GLN B 200 19.16 10.27 8.55
CA GLN B 200 18.10 10.76 9.42
C GLN B 200 16.78 10.93 8.67
N ARG B 201 16.83 11.43 7.44
CA ARG B 201 15.63 11.62 6.63
C ARG B 201 14.97 10.28 6.24
N GLN B 202 15.77 9.25 5.91
CA GLN B 202 15.19 7.93 5.56
C GLN B 202 14.45 7.33 6.76
N THR B 203 15.10 7.37 7.91
CA THR B 203 14.54 6.89 9.19
C THR B 203 13.24 7.65 9.56
N LEU B 204 13.27 8.98 9.45
CA LEU B 204 12.12 9.80 9.76
C LEU B 204 10.97 9.43 8.81
N ARG B 205 11.31 9.29 7.52
CA ARG B 205 10.33 8.96 6.50
C ARG B 205 9.64 7.65 6.80
N LYS B 206 10.45 6.66 7.17
CA LYS B 206 9.97 5.34 7.53
C LYS B 206 9.04 5.39 8.73
N MET B 207 9.39 6.18 9.74
CA MET B 207 8.58 6.24 10.97
C MET B 207 7.28 6.92 10.75
N VAL B 208 7.32 8.01 9.97
CA VAL B 208 6.18 8.82 9.66
C VAL B 208 5.17 8.01 8.84
N ILE B 209 5.65 7.32 7.81
CA ILE B 209 4.81 6.43 6.99
C ILE B 209 4.10 5.42 7.87
N ASP B 210 4.90 4.75 8.67
CA ASP B 210 4.43 3.76 9.65
C ASP B 210 3.33 4.32 10.60
N MET B 211 3.63 5.43 11.28
CA MET B 211 2.64 6.04 12.17
C MET B 211 1.33 6.45 11.47
N VAL B 212 1.40 7.19 10.35
CA VAL B 212 0.18 7.63 9.67
C VAL B 212 -0.64 6.43 9.15
N LEU B 213 0.00 5.44 8.53
CA LEU B 213 -0.75 4.25 8.10
C LEU B 213 -1.49 3.61 9.28
N ALA B 214 -0.90 3.70 10.48
CA ALA B 214 -1.52 3.16 11.69
C ALA B 214 -2.78 3.89 12.18
N THR B 215 -3.10 5.07 11.63
CA THR B 215 -4.32 5.78 12.01
C THR B 215 -5.54 5.25 11.25
N ASP B 216 -5.32 4.30 10.35
CA ASP B 216 -6.39 3.63 9.60
C ASP B 216 -7.16 2.70 10.55
N MET B 217 -8.44 3.02 10.77
CA MET B 217 -9.28 2.29 11.73
C MET B 217 -9.42 0.79 11.45
N SER B 218 -9.27 0.39 10.18
CA SER B 218 -9.33 -1.03 9.83
C SER B 218 -8.12 -1.84 10.44
N LYS B 219 -7.07 -1.13 10.88
CA LYS B 219 -5.89 -1.70 11.55
C LYS B 219 -5.97 -1.67 13.10
N HIS B 220 -7.02 -1.05 13.64
CA HIS B 220 -7.20 -0.87 15.08
C HIS B 220 -7.09 -2.16 15.90
N MET B 221 -7.88 -3.19 15.56
CA MET B 221 -7.90 -4.46 16.32
C MET B 221 -6.55 -5.17 16.35
N SER B 222 -5.84 -5.16 15.23
CA SER B 222 -4.52 -5.77 15.15
C SER B 222 -3.48 -4.96 15.95
N LEU B 223 -3.66 -3.65 16.00
CA LEU B 223 -2.75 -2.77 16.74
C LEU B 223 -2.96 -2.96 18.25
N LEU B 224 -4.22 -3.14 18.64
CA LEU B 224 -4.63 -3.27 20.03
C LEU B 224 -4.11 -4.57 20.57
N ALA B 225 -4.27 -5.65 19.80
CA ALA B 225 -3.78 -6.98 20.19
C ALA B 225 -2.27 -7.00 20.36
N ASP B 226 -1.54 -6.32 19.49
CA ASP B 226 -0.08 -6.30 19.60
C ASP B 226 0.36 -5.39 20.75
N LEU B 227 -0.47 -4.42 21.10
CA LEU B 227 -0.17 -3.55 22.20
C LEU B 227 -0.35 -4.27 23.52
N LYS B 228 -1.29 -5.21 23.60
CA LYS B 228 -1.49 -6.00 24.83
C LYS B 228 -0.30 -6.90 25.10
N THR B 229 0.24 -7.51 24.04
CA THR B 229 1.41 -8.38 24.12
C THR B 229 2.62 -7.61 24.63
N MET B 230 2.69 -6.33 24.28
CA MET B 230 3.77 -5.48 24.75
C MET B 230 3.64 -5.21 26.25
N VAL B 231 2.41 -5.04 26.72
CA VAL B 231 2.15 -4.77 28.15
C VAL B 231 2.53 -6.00 28.99
N GLU B 232 2.15 -7.19 28.52
CA GLU B 232 2.40 -8.44 29.21
C GLU B 232 3.89 -8.66 29.48
N THR B 233 4.76 -8.35 28.49
CA THR B 233 6.21 -8.56 28.60
C THR B 233 6.97 -7.27 28.94
N LYS B 234 6.21 -6.25 29.29
CA LYS B 234 6.72 -4.94 29.68
C LYS B 234 7.83 -5.07 30.72
N LYS B 235 8.88 -4.26 30.57
CA LYS B 235 10.00 -4.22 31.52
C LYS B 235 10.21 -2.76 31.89
N VAL B 236 10.10 -2.42 33.18
CA VAL B 236 10.35 -1.04 33.61
C VAL B 236 11.58 -1.04 34.54
N THR B 237 12.58 -0.24 34.18
CA THR B 237 13.84 -0.17 34.93
C THR B 237 13.66 0.33 36.36
N SER B 238 14.77 0.33 37.10
CA SER B 238 14.82 0.78 38.50
C SER B 238 14.44 2.25 38.72
N SER B 239 14.62 3.08 37.68
CA SER B 239 14.24 4.51 37.72
C SER B 239 12.73 4.74 37.50
N GLY B 240 12.01 3.69 37.08
CA GLY B 240 10.57 3.76 36.90
C GLY B 240 10.11 4.10 35.49
N VAL B 241 11.00 3.90 34.51
CA VAL B 241 10.72 4.20 33.13
C VAL B 241 10.74 2.90 32.34
N LEU B 242 10.13 2.90 31.16
CA LEU B 242 10.06 1.70 30.33
C LEU B 242 11.37 1.46 29.59
N LEU B 243 11.69 0.18 29.42
CA LEU B 243 12.88 -0.23 28.68
C LEU B 243 12.43 -0.66 27.28
N LEU B 244 12.86 0.11 26.28
CA LEU B 244 12.57 -0.20 24.89
C LEU B 244 13.91 -0.24 24.14
N ASP B 245 14.54 -1.42 24.16
CA ASP B 245 15.88 -1.70 23.63
C ASP B 245 16.12 -1.72 22.11
N ASN B 246 15.07 -1.74 21.33
CA ASN B 246 15.23 -1.83 19.89
C ASN B 246 14.23 -0.97 19.13
N TYR B 247 14.53 -0.76 17.85
CA TYR B 247 13.66 0.03 17.01
C TYR B 247 12.20 -0.52 17.01
N THR B 248 12.03 -1.82 16.83
CA THR B 248 10.70 -2.43 16.73
C THR B 248 9.77 -2.06 17.89
N ASP B 249 10.33 -2.05 19.09
CA ASP B 249 9.57 -1.77 20.29
C ASP B 249 9.22 -0.28 20.34
N ARG B 250 10.17 0.58 19.98
CA ARG B 250 9.92 2.03 20.05
C ARG B 250 8.84 2.46 19.10
N ILE B 251 8.95 2.08 17.83
CA ILE B 251 7.96 2.46 16.81
C ILE B 251 6.56 1.89 17.09
N GLN B 252 6.50 0.75 17.78
CA GLN B 252 5.20 0.17 18.13
C GLN B 252 4.51 1.06 19.17
N VAL B 253 5.28 1.61 20.12
CA VAL B 253 4.70 2.53 21.11
C VAL B 253 4.30 3.82 20.42
N LEU B 254 5.17 4.37 19.57
CA LEU B 254 4.84 5.57 18.78
C LEU B 254 3.59 5.42 17.86
N ARG B 255 3.43 4.27 17.19
CA ARG B 255 2.26 3.98 16.36
C ARG B 255 1.04 4.09 17.23
N ASN B 256 1.13 3.48 18.41
CA ASN B 256 0.03 3.44 19.34
C ASN B 256 -0.24 4.77 20.00
N MET B 257 0.79 5.57 20.19
CA MET B 257 0.61 6.88 20.81
C MET B 257 -0.18 7.79 19.89
N VAL B 258 0.25 7.88 18.64
CA VAL B 258 -0.47 8.70 17.66
C VAL B 258 -1.90 8.20 17.44
N HIS B 259 -2.09 6.87 17.48
CA HIS B 259 -3.45 6.27 17.34
C HIS B 259 -4.31 6.68 18.53
N CYS B 260 -3.74 6.66 19.74
CA CYS B 260 -4.47 7.11 20.93
C CYS B 260 -4.82 8.61 20.85
N ALA B 261 -3.88 9.41 20.36
CA ALA B 261 -4.08 10.85 20.20
C ALA B 261 -5.20 11.07 19.20
N ASP B 262 -5.25 10.27 18.16
CA ASP B 262 -6.31 10.41 17.15
C ASP B 262 -7.66 10.06 17.79
N LEU B 263 -7.69 9.10 18.72
CA LEU B 263 -8.94 8.71 19.43
C LEU B 263 -8.99 9.21 20.89
N SER B 264 -8.49 10.42 21.13
CA SER B 264 -8.50 11.05 22.44
C SER B 264 -9.69 11.97 22.73
N ASN B 265 -10.57 12.23 21.76
CA ASN B 265 -11.66 13.20 22.01
C ASN B 265 -12.51 12.88 23.29
N PRO B 266 -12.90 11.61 23.49
CA PRO B 266 -13.67 11.19 24.67
C PRO B 266 -12.91 11.24 25.98
N THR B 267 -11.58 11.41 25.94
CA THR B 267 -10.79 11.53 27.16
C THR B 267 -10.58 12.97 27.63
N LYS B 268 -11.00 13.95 26.83
CA LYS B 268 -10.88 15.36 27.18
C LYS B 268 -12.05 15.75 28.06
N SER B 269 -12.03 16.98 28.60
CA SER B 269 -13.14 17.44 29.43
C SER B 269 -14.44 17.35 28.62
N LEU B 270 -15.54 17.04 29.28
CA LEU B 270 -16.86 16.95 28.64
C LEU B 270 -17.20 18.11 27.66
N GLU B 271 -16.90 19.35 28.03
CA GLU B 271 -17.16 20.50 27.17
C GLU B 271 -16.37 20.41 25.83
N LEU B 272 -15.15 19.86 25.84
CA LEU B 272 -14.38 19.69 24.59
C LEU B 272 -14.98 18.53 23.76
N TYR B 273 -15.16 17.39 24.40
CA TYR B 273 -15.70 16.20 23.80
C TYR B 273 -17.01 16.43 23.07
N ARG B 274 -17.95 17.17 23.65
CA ARG B 274 -19.27 17.36 23.01
C ARG B 274 -19.16 18.15 21.72
N GLN B 275 -18.22 19.11 21.68
CA GLN B 275 -17.97 19.89 20.45
C GLN B 275 -17.38 18.97 19.38
N TRP B 276 -16.49 18.08 19.79
CA TRP B 276 -15.90 17.13 18.85
C TRP B 276 -16.96 16.20 18.28
N THR B 277 -17.89 15.77 19.13
CA THR B 277 -18.99 14.90 18.74
C THR B 277 -19.92 15.59 17.74
N ASP B 278 -20.26 16.84 18.02
CA ASP B 278 -21.08 17.60 17.07
C ASP B 278 -20.43 17.66 15.67
N ARG B 279 -19.11 17.80 15.64
CA ARG B 279 -18.36 17.90 14.40
C ARG B 279 -18.30 16.61 13.57
N ILE B 280 -18.00 15.47 14.21
CA ILE B 280 -17.97 14.25 13.47
C ILE B 280 -19.39 13.79 13.04
N MET B 281 -20.44 14.07 13.80
CA MET B 281 -21.79 13.65 13.40
C MET B 281 -22.22 14.47 12.20
N GLU B 282 -21.88 15.75 12.19
CA GLU B 282 -22.18 16.57 11.05
C GLU B 282 -21.46 15.99 9.83
N GLU B 283 -20.18 15.60 9.95
CA GLU B 283 -19.42 15.08 8.82
C GLU B 283 -20.08 13.80 8.34
N PHE B 284 -20.29 12.87 9.27
CA PHE B 284 -20.92 11.58 9.00
C PHE B 284 -22.33 11.68 8.36
N PHE B 285 -23.20 12.54 8.90
CA PHE B 285 -24.55 12.69 8.40
C PHE B 285 -24.51 13.26 6.96
N GLN B 286 -23.49 14.07 6.68
CA GLN B 286 -23.29 14.62 5.33
C GLN B 286 -22.88 13.51 4.32
N GLN B 287 -22.10 12.56 4.79
CA GLN B 287 -21.71 11.44 3.96
C GLN B 287 -22.99 10.63 3.66
N GLY B 288 -23.80 10.42 4.69
CA GLY B 288 -25.05 9.73 4.55
C GLY B 288 -25.95 10.38 3.52
N ASP B 289 -26.03 11.70 3.49
CA ASP B 289 -26.89 12.38 2.52
C ASP B 289 -26.38 12.10 1.13
N LYS B 290 -25.06 12.13 0.96
CA LYS B 290 -24.39 11.89 -0.33
C LYS B 290 -24.67 10.49 -0.79
N GLU B 291 -24.68 9.55 0.15
CA GLU B 291 -24.98 8.16 -0.12
C GLU B 291 -26.45 8.06 -0.64
N ARG B 292 -27.39 8.75 0.04
CA ARG B 292 -28.79 8.75 -0.37
C ARG B 292 -28.94 9.31 -1.79
N GLU B 293 -28.34 10.47 -2.05
CA GLU B 293 -28.38 11.09 -3.38
C GLU B 293 -27.96 10.12 -4.49
N ARG B 294 -26.96 9.29 -4.23
CA ARG B 294 -26.45 8.34 -5.21
C ARG B 294 -27.17 6.98 -5.26
N GLY B 295 -28.13 6.76 -4.37
CA GLY B 295 -28.85 5.50 -4.30
C GLY B 295 -28.08 4.35 -3.63
N MET B 296 -26.95 4.62 -3.00
CA MET B 296 -26.20 3.56 -2.30
C MET B 296 -26.85 3.28 -0.95
N GLU B 297 -26.44 2.21 -0.27
CA GLU B 297 -27.00 1.89 1.05
C GLU B 297 -26.41 2.85 2.10
N ILE B 298 -27.24 3.31 3.03
CA ILE B 298 -26.76 4.24 4.04
C ILE B 298 -26.01 3.52 5.13
N SER B 299 -24.85 4.02 5.49
CA SER B 299 -24.11 3.43 6.61
C SER B 299 -24.96 3.84 7.83
N PRO B 300 -25.52 2.87 8.58
CA PRO B 300 -26.43 3.16 9.71
C PRO B 300 -26.12 4.36 10.63
N MET B 301 -24.84 4.60 10.94
CA MET B 301 -24.46 5.66 11.84
C MET B 301 -24.29 7.06 11.19
N CME B 302 -24.40 7.21 9.89
CA CME B 302 -24.34 8.20 8.86
CB CME B 302 -23.33 7.80 7.78
SG CME B 302 -21.66 7.74 8.48
SD CME B 302 -20.41 6.41 7.72
CE CME B 302 -18.83 6.94 8.28
CZ CME B 302 -17.91 5.81 7.95
OH CME B 302 -17.51 5.12 8.87
C CME B 302 -25.79 8.61 8.46
O CME B 302 -25.99 9.59 7.78
N ASP B 303 -26.80 7.89 8.95
CA ASP B 303 -28.25 8.17 8.67
C ASP B 303 -28.80 9.22 9.64
N LYS B 304 -28.91 10.47 9.22
CA LYS B 304 -29.45 11.52 10.11
C LYS B 304 -30.94 11.27 10.50
N HIS B 305 -31.68 10.46 9.76
CA HIS B 305 -33.10 10.20 10.11
C HIS B 305 -33.30 9.14 11.22
N THR B 306 -32.33 8.26 11.45
CA THR B 306 -32.48 7.20 12.46
C THR B 306 -31.44 7.17 13.57
N ALA B 307 -30.20 7.47 13.24
CA ALA B 307 -29.12 7.34 14.21
C ALA B 307 -29.14 8.31 15.41
N SER B 308 -28.96 7.69 16.58
CA SER B 308 -28.88 8.35 17.86
C SER B 308 -27.41 8.69 18.10
N VAL B 309 -27.14 9.98 18.22
CA VAL B 309 -25.79 10.46 18.47
C VAL B 309 -25.28 9.91 19.81
N GLU B 310 -26.18 9.85 20.78
CA GLU B 310 -25.82 9.45 22.14
C GLU B 310 -25.47 7.97 22.24
N LYS B 311 -26.33 7.11 21.68
CA LYS B 311 -26.08 5.68 21.64
C LYS B 311 -24.78 5.39 20.90
N SER B 312 -24.54 6.09 19.79
CA SER B 312 -23.31 5.86 19.01
C SER B 312 -22.03 6.16 19.81
N GLN B 313 -22.01 7.21 20.62
CA GLN B 313 -20.81 7.54 21.41
C GLN B 313 -20.58 6.54 22.55
N VAL B 314 -21.63 6.10 23.23
CA VAL B 314 -21.47 5.08 24.28
C VAL B 314 -20.84 3.81 23.65
N GLY B 315 -21.35 3.39 22.48
CA GLY B 315 -20.83 2.23 21.74
C GLY B 315 -19.37 2.42 21.29
N PHE B 316 -19.03 3.64 20.92
CA PHE B 316 -17.67 3.99 20.50
C PHE B 316 -16.70 3.87 21.69
N ILE B 317 -17.07 4.39 22.86
CA ILE B 317 -16.23 4.28 24.05
C ILE B 317 -16.14 2.81 24.52
N ASP B 318 -17.27 2.13 24.65
CA ASP B 318 -17.29 0.73 25.12
C ASP B 318 -16.49 -0.27 24.28
N TYR B 319 -16.63 -0.20 22.96
CA TYR B 319 -16.01 -1.19 22.08
C TYR B 319 -14.70 -0.82 21.42
N ILE B 320 -14.35 0.46 21.44
CA ILE B 320 -13.13 0.93 20.76
C ILE B 320 -12.21 1.84 21.57
N VAL B 321 -12.71 2.94 22.11
CA VAL B 321 -11.87 3.91 22.83
C VAL B 321 -11.39 3.45 24.25
N HIS B 322 -12.31 2.94 25.06
CA HIS B 322 -11.95 2.47 26.40
C HIS B 322 -11.00 1.24 26.33
N PRO B 323 -11.29 0.24 25.54
CA PRO B 323 -10.34 -0.87 25.42
C PRO B 323 -8.92 -0.45 25.04
N LEU B 324 -8.77 0.52 24.14
CA LEU B 324 -7.46 1.02 23.74
C LEU B 324 -6.76 1.78 24.83
N TRP B 325 -7.45 2.77 25.39
CA TRP B 325 -6.88 3.61 26.46
C TRP B 325 -6.65 2.79 27.73
N GLU B 326 -7.53 1.86 28.06
CA GLU B 326 -7.32 0.97 29.21
C GLU B 326 -5.97 0.26 29.07
N THR B 327 -5.65 -0.19 27.85
CA THR B 327 -4.37 -0.84 27.54
C THR B 327 -3.19 0.12 27.59
N TRP B 328 -3.39 1.36 27.13
CA TRP B 328 -2.33 2.36 27.14
C TRP B 328 -2.05 2.71 28.58
N ALA B 329 -3.09 2.89 29.38
CA ALA B 329 -2.94 3.21 30.81
C ALA B 329 -2.13 2.14 31.53
N ASP B 330 -2.31 0.88 31.14
CA ASP B 330 -1.57 -0.22 31.78
C ASP B 330 -0.08 -0.19 31.48
N LEU B 331 0.25 0.27 30.29
CA LEU B 331 1.62 0.36 29.81
C LEU B 331 2.40 1.48 30.50
N VAL B 332 1.75 2.62 30.73
CA VAL B 332 2.42 3.77 31.33
C VAL B 332 2.02 4.00 32.79
N GLN B 333 1.32 3.03 33.38
CA GLN B 333 0.80 3.14 34.75
C GLN B 333 1.83 3.75 35.70
N PRO B 334 1.42 4.71 36.54
CA PRO B 334 0.03 5.21 36.68
C PRO B 334 -0.35 6.55 35.96
N ASP B 335 0.46 7.00 35.00
CA ASP B 335 0.25 8.32 34.36
C ASP B 335 -1.12 8.58 33.74
N ALA B 336 -1.77 7.57 33.19
CA ALA B 336 -3.06 7.79 32.51
C ALA B 336 -4.32 7.52 33.33
N GLN B 337 -4.23 7.52 34.66
CA GLN B 337 -5.43 7.24 35.45
C GLN B 337 -6.47 8.35 35.31
N ASP B 338 -6.04 9.61 35.39
CA ASP B 338 -6.98 10.73 35.26
C ASP B 338 -7.73 10.70 33.92
N ILE B 339 -7.00 10.40 32.85
CA ILE B 339 -7.56 10.29 31.50
C ILE B 339 -8.63 9.20 31.51
N LEU B 340 -8.31 8.08 32.14
CA LEU B 340 -9.25 6.97 32.23
C LEU B 340 -10.51 7.31 33.08
N ASP B 341 -10.35 8.13 34.13
CA ASP B 341 -11.49 8.57 34.96
C ASP B 341 -12.44 9.49 34.20
N THR B 342 -11.89 10.43 33.43
CA THR B 342 -12.69 11.37 32.63
C THR B 342 -13.50 10.60 31.56
N LEU B 343 -12.86 9.59 30.98
CA LEU B 343 -13.45 8.75 29.95
C LEU B 343 -14.70 8.07 30.46
N GLU B 344 -14.62 7.61 31.70
CA GLU B 344 -15.72 6.91 32.32
C GLU B 344 -16.84 7.88 32.72
N ASP B 345 -16.51 9.04 33.28
CA ASP B 345 -17.50 10.06 33.55
C ASP B 345 -18.21 10.48 32.23
N ASN B 346 -17.41 10.66 31.17
CA ASN B 346 -17.96 11.07 29.87
C ASN B 346 -18.89 10.02 29.30
N ARG B 347 -18.49 8.76 29.43
CA ARG B 347 -19.28 7.65 28.96
C ARG B 347 -20.64 7.62 29.67
N ASN B 348 -20.62 7.83 30.98
CA ASN B 348 -21.83 7.85 31.79
C ASN B 348 -22.74 9.04 31.48
N TRP B 349 -22.13 10.16 31.07
CA TRP B 349 -22.91 11.34 30.72
C TRP B 349 -23.74 11.08 29.46
N TYR B 350 -23.12 10.48 28.45
CA TYR B 350 -23.83 10.21 27.19
C TYR B 350 -24.91 9.14 27.39
N GLN B 351 -24.65 8.16 28.26
CA GLN B 351 -25.61 7.11 28.58
C GLN B 351 -26.81 7.74 29.29
N SER B 352 -26.57 8.74 30.13
CA SER B 352 -27.67 9.44 30.81
C SER B 352 -28.47 10.35 29.84
N MET B 353 -27.89 10.67 28.69
CA MET B 353 -28.60 11.49 27.70
C MET B 353 -29.57 10.70 26.82
N ILE B 354 -29.52 9.36 26.94
CA ILE B 354 -30.44 8.46 26.25
C ILE B 354 -31.71 8.16 27.08
N PRO B 355 -32.89 8.36 26.51
CA PRO B 355 -34.14 7.95 27.19
C PRO B 355 -34.35 6.43 27.09
ZN ZN C . 6.96 -8.73 -15.07
MG MG D . 6.95 -6.20 -12.43
C5 ROL E . 13.86 -10.72 -14.26
C6 ROL E . 15.23 -10.72 -13.97
C7 ROL E . 16.15 -11.39 -14.80
C8 ROL E . 15.71 -12.05 -15.95
C9 ROL E . 14.35 -12.06 -16.25
C10 ROL E . 13.45 -11.40 -15.42
C3 ROL E . 12.81 -10.01 -13.39
C2 ROL E . 12.57 -8.63 -13.86
C1 ROL E . 13.56 -7.85 -13.05
O1 ROL E . 13.63 -6.64 -13.13
N1 ROL E . 13.90 -8.58 -11.97
C4 ROL E . 13.20 -9.84 -11.90
O3 ROL E . 17.52 -11.39 -14.52
C11 ROL E . 17.94 -10.48 -13.46
C15 ROL E . 18.32 -11.24 -12.19
C14 ROL E . 19.55 -12.05 -12.69
C13 ROL E . 20.24 -11.10 -13.69
C12 ROL E . 19.10 -10.17 -14.16
O2 ROL E . 16.64 -12.70 -16.76
C16 ROL E . 16.41 -13.09 -18.13
C5 ROL F . 14.04 -10.92 -14.31
C6 ROL F . 15.41 -10.74 -14.12
C7 ROL F . 16.36 -11.50 -14.85
C8 ROL F . 15.91 -12.45 -15.77
C9 ROL F . 14.53 -12.65 -15.96
C10 ROL F . 13.62 -11.89 -15.23
C3 ROL F . 12.97 -10.12 -13.55
C2 ROL F . 13.22 -10.04 -12.03
C1 ROL F . 13.88 -8.71 -11.85
O1 ROL F . 14.53 -8.43 -10.86
N1 ROL F . 13.79 -8.01 -12.99
C4 ROL F . 12.93 -8.63 -13.97
O3 ROL F . 17.74 -11.32 -14.66
C11 ROL F . 18.09 -10.59 -13.44
C15 ROL F . 18.40 -11.50 -12.26
C14 ROL F . 19.90 -11.84 -12.47
C13 ROL F . 20.46 -10.60 -13.19
C12 ROL F . 19.27 -10.11 -14.01
O2 ROL F . 16.82 -13.22 -16.50
C16 ROL F . 16.51 -13.84 -17.76
ZN ZN G . -7.47 11.76 12.56
MG MG H . -7.41 9.71 9.50
C5 ROL I . -13.61 9.50 15.25
C6 ROL I . -14.96 9.13 15.26
C7 ROL I . -15.85 9.60 16.25
C8 ROL I . -15.36 10.46 17.26
C9 ROL I . -14.00 10.84 17.27
C10 ROL I . -13.14 10.36 16.27
C3 ROL I . -12.64 9.00 14.17
C2 ROL I . -12.84 9.71 12.88
C1 ROL I . -13.34 8.67 11.92
O1 ROL I . -14.03 8.96 10.94
N1 ROL I . -13.20 7.45 12.47
C4 ROL I . -12.70 7.47 13.84
O3 ROL I . -17.22 9.25 16.28
C11 ROL I . -17.60 8.25 15.27
C15 ROL I . -17.39 6.80 15.74
C14 ROL I . -18.53 6.62 16.76
C13 ROL I . -19.65 7.59 16.32
C12 ROL I . -18.94 8.59 15.39
O2 ROL I . -16.25 10.91 18.22
C16 ROL I . -16.14 12.21 18.84
C5 ROL J . -13.90 9.54 15.40
C6 ROL J . -15.22 9.04 15.50
C7 ROL J . -16.16 9.59 16.40
C8 ROL J . -15.75 10.69 17.19
C9 ROL J . -14.44 11.21 17.10
C10 ROL J . -13.53 10.63 16.20
C3 ROL J . -12.86 8.95 14.42
C2 ROL J . -12.99 7.43 14.11
C1 ROL J . -13.86 7.41 12.90
O1 ROL J . -14.32 6.38 12.41
N1 ROL J . -13.65 8.55 12.24
C4 ROL J . -12.92 9.56 13.00
O3 ROL J . -17.48 9.08 16.53
C11 ROL J . -17.81 8.06 15.54
C15 ROL J . -17.80 6.61 16.07
C14 ROL J . -19.21 6.41 16.67
C13 ROL J . -20.09 7.55 16.06
C12 ROL J . -19.11 8.51 15.39
O2 ROL J . -16.69 11.21 18.06
C16 ROL J . -16.37 12.02 19.20
#